data_8YRL
#
_entry.id   8YRL
#
_cell.length_a   84.142
_cell.length_b   188.606
_cell.length_c   71.933
_cell.angle_alpha   90.00
_cell.angle_beta   90.00
_cell.angle_gamma   90.00
#
_symmetry.space_group_name_H-M   'P 21 21 2'
#
loop_
_entity.id
_entity.type
_entity.pdbx_description
1 polymer 'Glycosyltransferase family 31 protein'
2 non-polymer 'MANGANESE (II) ION'
3 non-polymer "URIDINE-5'-DIPHOSPHATE"
4 non-polymer GLYCEROL
5 non-polymer beta-D-galactofuranose
6 water water
#
_entity_poly.entity_id   1
_entity_poly.type   'polypeptide(L)'
_entity_poly.pdbx_seq_one_letter_code
;HAALRFKHPVDRVAPTTQTPQIQLQPSSPGSTKTCQADPYIMPPLPFTEWLPRKNYTRAYFRPRFVSPRAEFSSLEDINV
PVLPPMTVLERGMVVSPDNKDPSLPCPPIIDVDVAADDAVDETEKLLFGLATTADRLDRLLPSLLYSYGNTKAGIIVLVP
ESDDDLDKQMTYFRNRGLDLTLIKSPLDFTARYFGLVQAFAEHIRTKRPQTTWVSFIDDDTFWLSLPTVAEELKLFDVNK
KHYIGALSEASWQVDTFGHIAFGGAGVFVSKPLLDVLEQYYDECQSWGEQPGDQKLGQCIQKYGDTPLTLWPSLYQMDMK
GEVDGVYESGRKIESLHHWNSWYTKDVVKMTTVAAAAGRKSVLRRWVFDQEEYVNNSTGKSVRTFWVMTNGYSLVKYTYD
ENTPDDAINFDHTEKTWEEDPRGYEGRLGPLRLKDQAGVTKDRWLLREAYVVGDNVHQWYVREEDEGHSVIEIVWLGPKG
GGGAGVHDYAVRKQH
;
_entity_poly.pdbx_strand_id   A,B
#
# COMPACT_ATOMS: atom_id res chain seq x y z
N THR A 34 6.36 -10.77 34.63
CA THR A 34 6.32 -9.32 34.59
C THR A 34 5.36 -8.82 33.51
N CYS A 35 5.60 -9.23 32.27
CA CYS A 35 4.73 -8.89 31.16
C CYS A 35 3.68 -9.98 30.98
N GLN A 36 2.86 -9.88 29.93
CA GLN A 36 1.72 -10.77 29.75
C GLN A 36 1.75 -11.50 28.41
N PRO A 39 5.28 -14.43 25.03
CA PRO A 39 6.12 -14.07 23.89
C PRO A 39 5.83 -12.65 23.38
N TYR A 40 6.88 -11.86 23.17
CA TYR A 40 6.68 -10.51 22.60
C TYR A 40 6.44 -10.62 21.09
N ILE A 41 5.30 -10.09 20.63
CA ILE A 41 4.95 -10.13 19.18
C ILE A 41 5.53 -8.88 18.53
N MET A 42 6.34 -9.06 17.49
CA MET A 42 6.98 -7.92 16.80
C MET A 42 6.02 -7.35 15.76
N PRO A 43 5.85 -6.02 15.70
CA PRO A 43 4.92 -5.40 14.75
C PRO A 43 5.49 -5.41 13.35
N PRO A 44 4.69 -5.83 12.36
CA PRO A 44 5.14 -5.71 10.96
C PRO A 44 5.13 -4.26 10.52
N LEU A 45 6.25 -3.81 9.97
CA LEU A 45 6.46 -2.39 9.67
C LEU A 45 6.98 -2.22 8.25
N PRO A 46 6.19 -1.67 7.33
CA PRO A 46 6.76 -1.22 6.07
C PRO A 46 7.68 -0.03 6.29
N PHE A 47 8.55 0.21 5.31
CA PHE A 47 9.51 1.29 5.45
C PHE A 47 8.83 2.65 5.54
N THR A 48 7.58 2.77 5.06
CA THR A 48 6.83 4.00 5.26
C THR A 48 6.56 4.27 6.74
N GLU A 49 6.53 3.20 7.54
CA GLU A 49 6.37 3.32 8.99
C GLU A 49 7.65 3.02 9.76
N TRP A 50 8.55 2.21 9.19
CA TRP A 50 9.79 1.87 9.88
C TRP A 50 10.78 3.02 9.85
N LEU A 51 10.82 3.76 8.73
CA LEU A 51 11.80 4.84 8.61
C LEU A 51 11.51 6.04 9.52
N PRO A 52 10.30 6.59 9.56
CA PRO A 52 10.10 7.83 10.32
C PRO A 52 10.15 7.61 11.82
N ARG A 53 10.39 8.71 12.54
CA ARG A 53 10.22 8.73 13.97
C ARG A 53 8.74 8.76 14.31
N LYS A 54 8.35 8.08 15.39
CA LYS A 54 6.94 7.93 15.69
C LYS A 54 6.70 7.87 17.19
N ASN A 55 5.59 8.46 17.63
CA ASN A 55 5.07 8.27 18.97
C ASN A 55 4.10 7.10 18.93
N TYR A 56 4.32 6.10 19.79
CA TYR A 56 3.72 4.79 19.59
C TYR A 56 3.14 4.25 20.89
N THR A 57 2.02 3.55 20.76
CA THR A 57 1.42 2.79 21.86
C THR A 57 0.62 1.66 21.25
N ARG A 58 0.56 0.53 21.98
CA ARG A 58 -0.11 -0.66 21.49
C ARG A 58 -0.97 -1.26 22.59
N ALA A 59 -2.09 -1.87 22.20
CA ALA A 59 -2.96 -2.60 23.11
C ALA A 59 -3.33 -3.93 22.50
N TYR A 60 -3.46 -4.96 23.33
CA TYR A 60 -3.84 -6.29 22.90
C TYR A 60 -5.33 -6.52 23.17
N PHE A 61 -6.03 -7.03 22.16
CA PHE A 61 -7.44 -7.39 22.29
C PHE A 61 -7.58 -8.87 21.95
N ARG A 62 -8.15 -9.64 22.88
CA ARG A 62 -8.31 -11.08 22.68
C ARG A 62 -9.76 -11.39 22.34
N PRO A 63 -10.08 -11.72 21.10
CA PRO A 63 -11.48 -12.03 20.75
C PRO A 63 -11.90 -13.38 21.32
N ARG A 64 -13.05 -13.40 21.99
CA ARG A 64 -13.68 -14.63 22.45
C ARG A 64 -14.98 -14.80 21.68
N PHE A 65 -15.08 -15.87 20.90
CA PHE A 65 -16.21 -16.04 20.00
C PHE A 65 -17.41 -16.63 20.73
N VAL A 66 -18.56 -15.98 20.57
CA VAL A 66 -19.82 -16.48 21.10
C VAL A 66 -20.72 -16.84 19.93
N SER A 67 -22.02 -16.92 20.17
CA SER A 67 -22.96 -17.36 19.15
C SER A 67 -22.97 -16.39 17.97
N PRO A 68 -23.17 -16.89 16.75
CA PRO A 68 -23.36 -15.99 15.60
C PRO A 68 -24.58 -15.10 15.75
N ARG A 69 -25.58 -15.53 16.53
CA ARG A 69 -26.78 -14.73 16.78
C ARG A 69 -26.62 -13.82 17.99
N ALA A 70 -25.44 -13.78 18.60
CA ALA A 70 -25.23 -12.90 19.75
C ALA A 70 -25.29 -11.45 19.32
N GLU A 71 -25.75 -10.60 20.25
CA GLU A 71 -25.93 -9.18 20.00
C GLU A 71 -25.22 -8.39 21.08
N PHE A 72 -24.61 -7.28 20.67
CA PHE A 72 -23.84 -6.43 21.57
C PHE A 72 -24.37 -5.01 21.50
N SER A 73 -23.84 -4.16 22.37
CA SER A 73 -24.22 -2.76 22.38
C SER A 73 -23.57 -2.04 21.20
N SER A 74 -24.18 -0.91 20.83
CA SER A 74 -23.59 -0.06 19.78
C SER A 74 -22.26 0.55 20.24
N LEU A 75 -21.97 0.54 21.54
CA LEU A 75 -20.72 1.05 22.06
C LEU A 75 -20.46 0.34 23.40
N GLU A 76 -19.75 -0.78 23.32
CA GLU A 76 -19.45 -1.56 24.51
CA GLU A 76 -19.46 -1.55 24.52
C GLU A 76 -18.38 -0.88 25.35
N ASP A 77 -18.54 -0.94 26.67
CA ASP A 77 -17.61 -0.31 27.59
C ASP A 77 -16.55 -1.30 28.05
N ILE A 78 -15.34 -0.79 28.25
CA ILE A 78 -14.24 -1.54 28.83
C ILE A 78 -13.80 -0.81 30.08
N ASN A 79 -14.12 -1.37 31.25
CA ASN A 79 -13.85 -0.74 32.54
C ASN A 79 -12.46 -1.08 33.08
N VAL A 80 -11.50 -1.37 32.21
CA VAL A 80 -10.13 -1.66 32.61
C VAL A 80 -9.21 -0.80 31.75
N PRO A 81 -8.04 -0.38 32.26
CA PRO A 81 -7.12 0.39 31.42
C PRO A 81 -6.73 -0.39 30.17
N VAL A 82 -6.61 0.34 29.05
CA VAL A 82 -6.39 -0.30 27.76
C VAL A 82 -5.13 0.25 27.10
N LEU A 83 -5.10 1.55 26.83
CA LEU A 83 -4.00 2.16 26.09
C LEU A 83 -2.89 2.58 27.05
N PRO A 84 -1.69 1.99 26.94
CA PRO A 84 -0.56 2.48 27.74
C PRO A 84 -0.12 3.85 27.28
N PRO A 85 0.67 4.56 28.08
CA PRO A 85 1.15 5.88 27.65
C PRO A 85 2.06 5.78 26.43
N MET A 86 2.06 6.83 25.63
CA MET A 86 2.84 6.84 24.39
C MET A 86 4.33 6.78 24.68
N THR A 87 5.09 6.24 23.73
CA THR A 87 6.53 6.12 23.82
C THR A 87 7.14 6.70 22.56
N VAL A 88 8.08 7.64 22.73
CA VAL A 88 8.78 8.21 21.59
C VAL A 88 9.72 7.15 21.02
N LEU A 89 9.52 6.82 19.74
CA LEU A 89 10.32 5.83 19.05
C LEU A 89 11.08 6.49 17.90
N GLU A 90 12.26 5.94 17.60
CA GLU A 90 13.04 6.44 16.48
C GLU A 90 12.79 5.59 15.24
N ARG A 91 13.81 5.48 14.38
CA ARG A 91 13.70 4.60 13.22
C ARG A 91 13.53 3.16 13.68
N GLY A 92 12.56 2.47 13.09
CA GLY A 92 12.26 1.11 13.52
C GLY A 92 11.37 1.12 14.75
N MET A 93 11.79 0.38 15.79
CA MET A 93 11.13 0.42 17.09
C MET A 93 12.09 0.80 18.19
N VAL A 94 13.19 1.47 17.86
CA VAL A 94 14.16 1.89 18.87
C VAL A 94 13.53 2.96 19.75
N VAL A 95 13.64 2.78 21.06
CA VAL A 95 13.08 3.75 22.00
C VAL A 95 13.96 5.00 21.99
N SER A 96 13.36 6.13 21.65
CA SER A 96 14.07 7.40 21.63
C SER A 96 14.62 7.72 23.03
N PRO A 97 15.73 8.46 23.12
CA PRO A 97 16.22 8.88 24.44
C PRO A 97 15.40 10.01 25.07
N ASP A 98 14.39 10.53 24.37
CA ASP A 98 13.47 11.48 24.99
C ASP A 98 12.58 10.83 26.04
N ASN A 99 12.36 9.52 25.94
CA ASN A 99 11.50 8.82 26.91
C ASN A 99 12.21 8.68 28.24
N LYS A 100 11.43 8.79 29.32
CA LYS A 100 11.96 8.50 30.66
C LYS A 100 12.30 7.04 30.78
N ASP A 101 11.28 6.18 30.68
CA ASP A 101 11.50 4.74 30.69
C ASP A 101 12.30 4.33 29.45
N PRO A 102 13.35 3.53 29.59
CA PRO A 102 14.12 3.07 28.44
C PRO A 102 13.49 1.94 27.66
N SER A 103 12.27 1.52 28.00
CA SER A 103 11.61 0.38 27.38
C SER A 103 10.17 0.75 27.04
N LEU A 104 9.55 -0.12 26.23
CA LEU A 104 8.15 0.02 25.91
C LEU A 104 7.28 -0.44 27.08
N PRO A 105 6.12 0.18 27.30
CA PRO A 105 5.24 -0.26 28.37
C PRO A 105 4.68 -1.64 28.08
N CYS A 106 4.32 -2.35 29.15
CA CYS A 106 3.70 -3.66 29.00
C CYS A 106 2.21 -3.50 28.74
N PRO A 107 1.74 -3.79 27.53
CA PRO A 107 0.33 -3.55 27.21
C PRO A 107 -0.56 -4.66 27.77
N PRO A 108 -1.74 -4.31 28.24
CA PRO A 108 -2.66 -5.34 28.76
C PRO A 108 -3.44 -6.02 27.64
N ILE A 109 -3.91 -7.23 27.96
CA ILE A 109 -4.74 -8.01 27.04
C ILE A 109 -6.20 -7.82 27.45
N ILE A 110 -6.99 -7.28 26.53
CA ILE A 110 -8.39 -6.97 26.79
C ILE A 110 -9.26 -8.05 26.14
N ASP A 111 -9.99 -8.80 26.96
CA ASP A 111 -10.89 -9.82 26.45
C ASP A 111 -12.21 -9.18 26.02
N VAL A 112 -12.62 -9.44 24.79
CA VAL A 112 -13.88 -8.95 24.26
C VAL A 112 -14.61 -10.09 23.58
N ASP A 113 -15.93 -10.06 23.66
CA ASP A 113 -16.78 -11.06 23.01
C ASP A 113 -17.11 -10.62 21.61
N VAL A 114 -17.01 -11.56 20.66
CA VAL A 114 -17.33 -11.31 19.26
C VAL A 114 -18.25 -12.42 18.77
N ALA A 115 -19.19 -12.06 17.90
CA ALA A 115 -20.11 -13.04 17.33
C ALA A 115 -19.40 -13.85 16.25
N ALA A 116 -19.49 -15.16 16.34
CA ALA A 116 -18.84 -16.03 15.37
C ALA A 116 -19.47 -15.87 13.99
N ASP A 117 -18.69 -16.17 12.96
CA ASP A 117 -19.18 -16.07 11.60
C ASP A 117 -20.31 -17.05 11.36
N ASP A 118 -21.27 -16.65 10.54
CA ASP A 118 -22.34 -17.55 10.14
C ASP A 118 -21.84 -18.54 9.08
N ALA A 119 -22.49 -19.69 9.02
CA ALA A 119 -22.15 -20.70 8.03
C ALA A 119 -22.51 -20.22 6.62
N VAL A 120 -21.73 -20.66 5.64
CA VAL A 120 -21.93 -20.25 4.25
C VAL A 120 -22.88 -21.18 3.51
N ASP A 121 -23.62 -22.03 4.23
CA ASP A 121 -24.50 -22.97 3.57
C ASP A 121 -25.68 -22.27 2.90
N GLU A 122 -26.23 -21.24 3.56
CA GLU A 122 -27.36 -20.50 3.00
C GLU A 122 -26.96 -19.63 1.82
N THR A 123 -25.66 -19.41 1.59
CA THR A 123 -25.24 -18.59 0.46
C THR A 123 -25.46 -19.30 -0.88
N GLU A 124 -25.63 -20.62 -0.88
CA GLU A 124 -25.80 -21.35 -2.13
C GLU A 124 -27.08 -20.95 -2.87
N LYS A 125 -28.09 -20.46 -2.15
CA LYS A 125 -29.32 -20.03 -2.78
C LYS A 125 -29.20 -18.70 -3.52
N LEU A 126 -28.05 -18.03 -3.41
CA LEU A 126 -27.87 -16.70 -3.98
C LEU A 126 -27.17 -16.79 -5.33
N LEU A 127 -27.62 -15.97 -6.27
CA LEU A 127 -26.97 -15.80 -7.56
C LEU A 127 -26.82 -14.30 -7.82
N PHE A 128 -25.59 -13.81 -7.81
CA PHE A 128 -25.31 -12.40 -8.01
C PHE A 128 -25.11 -12.11 -9.49
N GLY A 129 -25.46 -10.90 -9.89
CA GLY A 129 -25.31 -10.48 -11.27
C GLY A 129 -24.60 -9.14 -11.36
N LEU A 130 -23.66 -9.05 -12.30
CA LEU A 130 -22.83 -7.87 -12.45
C LEU A 130 -22.81 -7.43 -13.91
N ALA A 131 -22.82 -6.12 -14.11
CA ALA A 131 -22.61 -5.51 -15.42
C ALA A 131 -21.32 -4.70 -15.31
N THR A 132 -20.21 -5.30 -15.71
CA THR A 132 -18.89 -4.69 -15.58
C THR A 132 -17.95 -5.36 -16.56
N THR A 133 -16.66 -5.09 -16.42
CA THR A 133 -15.64 -5.64 -17.29
C THR A 133 -14.67 -6.50 -16.48
N ALA A 134 -13.90 -7.33 -17.20
CA ALA A 134 -12.88 -8.15 -16.55
C ALA A 134 -11.77 -7.29 -15.96
N ASP A 135 -11.52 -6.12 -16.55
CA ASP A 135 -10.50 -5.23 -16.00
C ASP A 135 -10.94 -4.62 -14.68
N ARG A 136 -12.23 -4.29 -14.56
CA ARG A 136 -12.74 -3.76 -13.29
C ARG A 136 -12.79 -4.84 -12.22
N LEU A 137 -13.11 -6.09 -12.62
CA LEU A 137 -13.10 -7.18 -11.67
C LEU A 137 -11.70 -7.43 -11.12
N ASP A 138 -10.69 -7.32 -11.98
CA ASP A 138 -9.32 -7.53 -11.54
C ASP A 138 -8.84 -6.42 -10.61
N ARG A 139 -9.28 -5.19 -10.87
N ARG A 139 -9.28 -5.18 -10.87
CA ARG A 139 -8.88 -4.07 -10.02
CA ARG A 139 -8.87 -4.07 -10.02
C ARG A 139 -9.53 -4.13 -8.65
C ARG A 139 -9.53 -4.13 -8.65
N LEU A 140 -10.76 -4.65 -8.59
CA LEU A 140 -11.50 -4.77 -7.34
C LEU A 140 -11.47 -6.20 -6.78
N LEU A 141 -10.52 -7.02 -7.24
CA LEU A 141 -10.50 -8.43 -6.85
C LEU A 141 -10.43 -8.65 -5.34
N PRO A 142 -9.56 -7.97 -4.57
CA PRO A 142 -9.54 -8.24 -3.13
C PRO A 142 -10.87 -7.97 -2.43
N SER A 143 -11.58 -6.91 -2.82
CA SER A 143 -12.86 -6.62 -2.19
C SER A 143 -13.92 -7.64 -2.61
N LEU A 144 -13.88 -8.10 -3.85
CA LEU A 144 -14.81 -9.13 -4.30
C LEU A 144 -14.52 -10.47 -3.63
N LEU A 145 -13.25 -10.75 -3.33
CA LEU A 145 -12.90 -12.00 -2.66
C LEU A 145 -13.46 -12.02 -1.24
N TYR A 146 -13.40 -10.89 -0.53
CA TYR A 146 -13.94 -10.85 0.82
C TYR A 146 -15.46 -10.99 0.81
N SER A 147 -16.13 -10.41 -0.19
CA SER A 147 -17.59 -10.44 -0.22
C SER A 147 -18.12 -11.81 -0.62
N TYR A 148 -17.57 -12.38 -1.69
CA TYR A 148 -18.11 -13.59 -2.27
C TYR A 148 -17.16 -14.78 -2.28
N GLY A 149 -15.85 -14.56 -2.13
CA GLY A 149 -14.93 -15.68 -2.13
C GLY A 149 -15.17 -16.61 -0.96
N ASN A 150 -14.95 -17.90 -1.21
CA ASN A 150 -15.14 -18.96 -0.21
C ASN A 150 -16.58 -18.99 0.32
N THR A 151 -17.53 -18.66 -0.54
CA THR A 151 -18.95 -18.87 -0.27
C THR A 151 -19.54 -19.73 -1.38
N LYS A 152 -20.78 -20.16 -1.18
CA LYS A 152 -21.47 -21.00 -2.15
C LYS A 152 -22.34 -20.20 -3.11
N ALA A 153 -22.23 -18.88 -3.11
CA ALA A 153 -23.05 -18.05 -3.98
C ALA A 153 -22.49 -18.03 -5.39
N GLY A 154 -23.38 -18.01 -6.38
CA GLY A 154 -22.98 -17.92 -7.77
C GLY A 154 -22.92 -16.47 -8.24
N ILE A 155 -22.07 -16.23 -9.24
CA ILE A 155 -21.89 -14.91 -9.82
C ILE A 155 -21.86 -15.04 -11.33
N ILE A 156 -22.74 -14.31 -12.01
CA ILE A 156 -22.69 -14.17 -13.46
C ILE A 156 -22.45 -12.70 -13.78
N VAL A 157 -21.63 -12.44 -14.80
CA VAL A 157 -21.24 -11.08 -15.17
C VAL A 157 -21.52 -10.89 -16.65
N LEU A 158 -22.22 -9.80 -16.98
CA LEU A 158 -22.44 -9.41 -18.37
C LEU A 158 -21.33 -8.43 -18.76
N VAL A 159 -20.42 -8.88 -19.60
CA VAL A 159 -19.28 -8.07 -20.04
C VAL A 159 -19.56 -7.55 -21.44
N PRO A 160 -18.90 -6.47 -21.89
CA PRO A 160 -19.10 -6.00 -23.26
C PRO A 160 -18.52 -6.99 -24.26
N GLU A 161 -18.89 -6.77 -25.53
CA GLU A 161 -18.39 -7.61 -26.61
C GLU A 161 -16.92 -7.28 -26.89
N SER A 162 -16.13 -8.34 -27.07
CA SER A 162 -14.70 -8.20 -27.33
C SER A 162 -14.17 -9.54 -27.82
N ASP A 163 -12.88 -9.57 -28.14
CA ASP A 163 -12.18 -10.78 -28.53
C ASP A 163 -11.61 -11.53 -27.34
N ASP A 164 -11.95 -11.13 -26.12
CA ASP A 164 -11.37 -11.72 -24.93
C ASP A 164 -11.80 -13.18 -24.78
N ASP A 165 -10.83 -14.02 -24.40
CA ASP A 165 -11.12 -15.42 -24.08
C ASP A 165 -11.82 -15.48 -22.73
N LEU A 166 -13.13 -15.74 -22.75
CA LEU A 166 -13.90 -15.78 -21.50
C LEU A 166 -13.46 -16.96 -20.63
N ASP A 167 -13.13 -18.09 -21.25
CA ASP A 167 -12.71 -19.25 -20.48
C ASP A 167 -11.37 -18.99 -19.79
N LYS A 168 -10.45 -18.30 -20.48
CA LYS A 168 -9.17 -17.98 -19.87
C LYS A 168 -9.34 -16.96 -18.75
N GLN A 169 -10.15 -15.93 -18.97
CA GLN A 169 -10.38 -14.92 -17.94
C GLN A 169 -11.10 -15.54 -16.75
N MET A 170 -12.03 -16.46 -17.00
CA MET A 170 -12.76 -17.11 -15.92
C MET A 170 -11.84 -17.97 -15.07
N THR A 171 -10.89 -18.65 -15.72
CA THR A 171 -9.91 -19.44 -14.97
C THR A 171 -9.00 -18.54 -14.15
N TYR A 172 -8.64 -17.37 -14.70
CA TYR A 172 -7.79 -16.43 -13.99
C TYR A 172 -8.40 -16.03 -12.65
N PHE A 173 -9.71 -15.81 -12.62
CA PHE A 173 -10.37 -15.39 -11.38
C PHE A 173 -10.68 -16.59 -10.48
N ARG A 174 -11.06 -17.72 -11.06
CA ARG A 174 -11.44 -18.88 -10.26
C ARG A 174 -10.23 -19.43 -9.50
N ASN A 175 -9.08 -19.52 -10.15
CA ASN A 175 -7.88 -20.00 -9.47
C ASN A 175 -7.45 -19.09 -8.33
N ARG A 176 -7.85 -17.81 -8.38
CA ARG A 176 -7.54 -16.88 -7.30
C ARG A 176 -8.58 -16.88 -6.19
N GLY A 177 -9.72 -17.55 -6.39
CA GLY A 177 -10.74 -17.66 -5.36
C GLY A 177 -12.07 -17.05 -5.72
N LEU A 178 -12.26 -16.49 -6.91
CA LEU A 178 -13.51 -15.87 -7.31
C LEU A 178 -14.10 -16.66 -8.47
N ASP A 179 -15.08 -17.51 -8.19
CA ASP A 179 -15.72 -18.34 -9.20
C ASP A 179 -16.91 -17.58 -9.76
N LEU A 180 -16.81 -17.15 -11.01
CA LEU A 180 -17.86 -16.40 -11.67
C LEU A 180 -17.99 -16.86 -13.11
N THR A 181 -19.11 -16.46 -13.74
CA THR A 181 -19.38 -16.79 -15.14
C THR A 181 -19.41 -15.49 -15.93
N LEU A 182 -18.56 -15.41 -16.95
CA LEU A 182 -18.47 -14.24 -17.82
C LEU A 182 -19.30 -14.47 -19.08
N ILE A 183 -20.19 -13.53 -19.38
CA ILE A 183 -21.08 -13.62 -20.53
C ILE A 183 -20.97 -12.33 -21.32
N LYS A 184 -20.65 -12.42 -22.60
CA LYS A 184 -20.57 -11.25 -23.46
C LYS A 184 -21.97 -10.79 -23.85
N SER A 185 -22.18 -9.47 -23.82
CA SER A 185 -23.49 -8.89 -24.11
C SER A 185 -23.32 -7.69 -25.03
N PRO A 186 -24.20 -7.53 -26.03
CA PRO A 186 -24.11 -6.37 -26.92
C PRO A 186 -24.68 -5.09 -26.32
N LEU A 187 -25.40 -5.17 -25.20
CA LEU A 187 -26.01 -3.99 -24.60
C LEU A 187 -24.95 -3.08 -24.00
N ASP A 188 -25.37 -1.86 -23.68
CA ASP A 188 -24.52 -0.94 -22.95
C ASP A 188 -24.62 -1.21 -21.45
N PHE A 189 -23.77 -0.53 -20.68
CA PHE A 189 -23.72 -0.78 -19.23
C PHE A 189 -25.07 -0.56 -18.57
N THR A 190 -25.80 0.48 -19.00
CA THR A 190 -27.11 0.75 -18.42
C THR A 190 -28.10 -0.35 -18.76
N ALA A 191 -28.13 -0.78 -20.03
CA ALA A 191 -29.05 -1.83 -20.44
C ALA A 191 -28.58 -3.21 -19.97
N ARG A 192 -27.26 -3.42 -19.83
CA ARG A 192 -26.77 -4.70 -19.37
C ARG A 192 -27.16 -4.97 -17.92
N TYR A 193 -27.32 -3.90 -17.12
CA TYR A 193 -27.78 -4.07 -15.75
C TYR A 193 -29.16 -4.72 -15.71
N PHE A 194 -30.13 -4.12 -16.40
CA PHE A 194 -31.45 -4.74 -16.50
C PHE A 194 -31.41 -5.99 -17.36
N GLY A 195 -30.44 -6.09 -18.27
CA GLY A 195 -30.25 -7.31 -19.05
C GLY A 195 -29.89 -8.52 -18.21
N LEU A 196 -29.54 -8.32 -16.95
CA LEU A 196 -29.29 -9.45 -16.05
C LEU A 196 -30.55 -10.26 -15.78
N VAL A 197 -31.73 -9.65 -15.95
CA VAL A 197 -32.99 -10.37 -15.75
C VAL A 197 -33.05 -11.57 -16.69
N GLN A 198 -32.71 -11.36 -17.97
CA GLN A 198 -32.69 -12.48 -18.91
C GLN A 198 -31.50 -13.39 -18.65
N ALA A 199 -30.37 -12.83 -18.25
CA ALA A 199 -29.20 -13.65 -17.93
C ALA A 199 -29.43 -14.48 -16.68
N PHE A 200 -30.11 -13.90 -15.68
CA PHE A 200 -30.45 -14.65 -14.47
C PHE A 200 -31.33 -15.84 -14.81
N ALA A 201 -32.40 -15.61 -15.58
CA ALA A 201 -33.38 -16.66 -15.84
C ALA A 201 -32.77 -17.82 -16.61
N GLU A 202 -31.95 -17.52 -17.63
CA GLU A 202 -31.35 -18.59 -18.41
C GLU A 202 -30.29 -19.35 -17.63
N HIS A 203 -29.53 -18.65 -16.79
CA HIS A 203 -28.50 -19.33 -16.00
C HIS A 203 -29.14 -20.25 -14.96
N ILE A 204 -30.22 -19.80 -14.34
CA ILE A 204 -30.91 -20.64 -13.35
C ILE A 204 -31.53 -21.85 -14.02
N ARG A 205 -32.18 -21.64 -15.17
CA ARG A 205 -32.87 -22.73 -15.86
C ARG A 205 -31.90 -23.78 -16.38
N THR A 206 -30.70 -23.37 -16.79
CA THR A 206 -29.77 -24.28 -17.45
C THR A 206 -28.63 -24.74 -16.56
N LYS A 207 -28.17 -23.91 -15.63
CA LYS A 207 -26.96 -24.23 -14.86
C LYS A 207 -27.18 -24.26 -13.36
N ARG A 208 -28.00 -23.37 -12.82
CA ARG A 208 -28.14 -23.21 -11.36
C ARG A 208 -29.62 -23.27 -10.98
N PRO A 209 -30.25 -24.44 -11.06
CA PRO A 209 -31.67 -24.54 -10.71
C PRO A 209 -31.93 -24.38 -9.22
N GLN A 210 -30.95 -24.64 -8.36
CA GLN A 210 -31.13 -24.47 -6.93
C GLN A 210 -31.22 -23.01 -6.51
N THR A 211 -31.05 -22.07 -7.43
CA THR A 211 -31.12 -20.67 -7.09
C THR A 211 -32.54 -20.28 -6.68
N THR A 212 -32.66 -19.63 -5.54
CA THR A 212 -33.94 -19.11 -5.06
C THR A 212 -33.95 -17.61 -4.87
N TRP A 213 -32.79 -16.99 -4.63
CA TRP A 213 -32.67 -15.55 -4.52
C TRP A 213 -31.70 -15.05 -5.60
N VAL A 214 -32.09 -13.96 -6.25
CA VAL A 214 -31.26 -13.33 -7.28
C VAL A 214 -30.94 -11.92 -6.79
N SER A 215 -29.72 -11.46 -7.09
CA SER A 215 -29.25 -10.20 -6.53
C SER A 215 -28.55 -9.36 -7.59
N PHE A 216 -29.00 -8.12 -7.75
CA PHE A 216 -28.31 -7.13 -8.57
C PHE A 216 -27.32 -6.37 -7.68
N ILE A 217 -26.09 -6.22 -8.17
CA ILE A 217 -25.02 -5.61 -7.40
C ILE A 217 -24.13 -4.79 -8.32
N ASP A 218 -23.47 -3.79 -7.73
CA ASP A 218 -22.36 -3.10 -8.35
C ASP A 218 -21.07 -3.83 -8.03
N ASP A 219 -20.03 -3.57 -8.85
CA ASP A 219 -18.74 -4.19 -8.56
C ASP A 219 -18.08 -3.60 -7.32
N ASP A 220 -18.57 -2.46 -6.83
CA ASP A 220 -18.10 -1.87 -5.57
C ASP A 220 -19.12 -2.01 -4.45
N THR A 221 -20.07 -2.95 -4.58
CA THR A 221 -20.96 -3.30 -3.48
C THR A 221 -20.22 -4.26 -2.56
N PHE A 222 -19.90 -3.81 -1.36
CA PHE A 222 -19.03 -4.54 -0.43
C PHE A 222 -19.88 -5.09 0.70
N TRP A 223 -19.89 -6.42 0.84
CA TRP A 223 -20.67 -7.09 1.87
C TRP A 223 -19.79 -7.37 3.08
N LEU A 224 -20.17 -6.80 4.22
CA LEU A 224 -19.39 -7.02 5.44
C LEU A 224 -19.54 -8.44 5.96
N SER A 225 -20.69 -9.08 5.71
CA SER A 225 -20.90 -10.46 6.15
C SER A 225 -22.03 -11.03 5.27
N LEU A 226 -21.63 -11.54 4.10
CA LEU A 226 -22.61 -12.14 3.20
C LEU A 226 -23.34 -13.35 3.79
N PRO A 227 -22.68 -14.30 4.47
CA PRO A 227 -23.45 -15.42 5.05
C PRO A 227 -24.51 -14.98 6.04
N THR A 228 -24.26 -13.90 6.80
CA THR A 228 -25.28 -13.38 7.70
C THR A 228 -26.49 -12.88 6.92
N VAL A 229 -26.25 -12.19 5.81
CA VAL A 229 -27.35 -11.71 4.96
C VAL A 229 -28.13 -12.89 4.40
N ALA A 230 -27.44 -13.94 3.96
CA ALA A 230 -28.11 -15.12 3.44
C ALA A 230 -28.97 -15.78 4.51
N GLU A 231 -28.52 -15.76 5.76
CA GLU A 231 -29.32 -16.31 6.85
C GLU A 231 -30.55 -15.45 7.12
N GLU A 232 -30.40 -14.13 7.03
CA GLU A 232 -31.54 -13.24 7.26
C GLU A 232 -32.57 -13.30 6.14
N LEU A 233 -32.17 -13.73 4.94
CA LEU A 233 -33.12 -13.92 3.86
C LEU A 233 -34.04 -15.11 4.09
N LYS A 234 -33.73 -15.97 5.05
CA LYS A 234 -34.59 -17.11 5.36
C LYS A 234 -35.92 -16.69 5.96
N LEU A 235 -35.99 -15.50 6.56
CA LEU A 235 -37.23 -15.04 7.19
C LEU A 235 -38.31 -14.74 6.14
N PHE A 236 -37.95 -14.59 4.88
CA PHE A 236 -38.90 -14.32 3.82
C PHE A 236 -39.29 -15.62 3.13
N ASP A 237 -40.59 -15.76 2.84
CA ASP A 237 -41.07 -16.94 2.15
C ASP A 237 -40.42 -17.06 0.79
N VAL A 238 -39.82 -18.23 0.52
CA VAL A 238 -39.07 -18.41 -0.72
C VAL A 238 -39.99 -18.56 -1.92
N ASN A 239 -41.26 -18.90 -1.70
CA ASN A 239 -42.20 -19.14 -2.78
C ASN A 239 -43.05 -17.90 -3.11
N LYS A 240 -42.77 -16.78 -2.46
CA LYS A 240 -43.47 -15.52 -2.74
C LYS A 240 -42.52 -14.53 -3.38
N LYS A 241 -43.10 -13.57 -4.10
CA LYS A 241 -42.30 -12.52 -4.71
C LYS A 241 -41.79 -11.55 -3.64
N HIS A 242 -40.50 -11.19 -3.75
CA HIS A 242 -39.89 -10.29 -2.79
C HIS A 242 -38.92 -9.36 -3.50
N TYR A 243 -38.88 -8.11 -3.05
CA TYR A 243 -38.06 -7.07 -3.64
C TYR A 243 -37.41 -6.30 -2.49
N ILE A 244 -36.15 -6.62 -2.21
CA ILE A 244 -35.47 -6.14 -1.01
C ILE A 244 -34.33 -5.20 -1.43
N GLY A 245 -34.24 -4.07 -0.76
CA GLY A 245 -33.20 -3.11 -1.06
C GLY A 245 -33.20 -2.00 -0.05
N ALA A 246 -32.54 -0.90 -0.40
CA ALA A 246 -32.43 0.25 0.48
C ALA A 246 -32.59 1.54 -0.31
N LEU A 247 -33.07 2.57 0.35
CA LEU A 247 -33.13 3.90 -0.24
C LEU A 247 -31.78 4.59 -0.13
N SER A 248 -31.59 5.61 -0.97
CA SER A 248 -30.41 6.44 -0.84
C SER A 248 -30.49 7.29 0.43
N GLU A 249 -29.32 7.54 1.03
CA GLU A 249 -29.29 8.34 2.24
C GLU A 249 -29.65 9.80 1.97
N ALA A 250 -29.36 10.28 0.77
CA ALA A 250 -29.73 11.64 0.38
C ALA A 250 -31.19 11.66 -0.04
N SER A 251 -31.99 12.52 0.59
CA SER A 251 -33.42 12.54 0.32
C SER A 251 -33.70 13.00 -1.11
N TRP A 252 -32.89 13.93 -1.63
CA TRP A 252 -33.12 14.42 -2.99
C TRP A 252 -32.87 13.35 -4.04
N GLN A 253 -32.05 12.34 -3.73
CA GLN A 253 -31.88 11.23 -4.66
C GLN A 253 -33.14 10.38 -4.73
N VAL A 254 -33.81 10.19 -3.59
CA VAL A 254 -35.10 9.51 -3.59
C VAL A 254 -36.14 10.35 -4.34
N ASP A 255 -36.12 11.67 -4.12
CA ASP A 255 -37.04 12.54 -4.84
C ASP A 255 -36.80 12.50 -6.34
N THR A 256 -35.52 12.36 -6.74
CA THR A 256 -35.19 12.40 -8.16
C THR A 256 -35.52 11.09 -8.86
N PHE A 257 -35.22 9.95 -8.23
CA PHE A 257 -35.35 8.66 -8.88
C PHE A 257 -36.45 7.78 -8.32
N GLY A 258 -37.11 8.19 -7.24
CA GLY A 258 -38.21 7.45 -6.69
C GLY A 258 -37.80 6.46 -5.60
N HIS A 259 -38.80 5.96 -4.89
CA HIS A 259 -38.59 4.98 -3.82
C HIS A 259 -38.25 3.63 -4.47
N ILE A 260 -36.99 3.51 -4.87
CA ILE A 260 -36.49 2.31 -5.51
C ILE A 260 -35.45 1.66 -4.59
N ALA A 261 -34.98 0.48 -4.99
CA ALA A 261 -33.84 -0.16 -4.36
C ALA A 261 -32.59 0.29 -5.09
N PHE A 262 -31.84 1.19 -4.46
CA PHE A 262 -30.65 1.74 -5.09
C PHE A 262 -29.59 0.65 -5.24
N GLY A 263 -29.12 0.46 -6.47
CA GLY A 263 -28.33 -0.71 -6.80
C GLY A 263 -26.98 -0.77 -6.08
N GLY A 264 -26.46 0.38 -5.66
CA GLY A 264 -25.17 0.37 -4.99
C GLY A 264 -25.18 -0.38 -3.67
N ALA A 265 -26.27 -0.24 -2.91
CA ALA A 265 -26.41 -0.94 -1.65
C ALA A 265 -26.73 -2.42 -1.80
N GLY A 266 -27.06 -2.86 -3.01
CA GLY A 266 -27.45 -4.23 -3.24
C GLY A 266 -28.95 -4.42 -3.30
N VAL A 267 -29.42 -5.23 -4.24
CA VAL A 267 -30.83 -5.50 -4.42
C VAL A 267 -31.03 -7.02 -4.41
N PHE A 268 -32.13 -7.47 -3.79
CA PHE A 268 -32.46 -8.89 -3.74
C PHE A 268 -33.84 -9.11 -4.34
N VAL A 269 -33.92 -10.03 -5.30
CA VAL A 269 -35.18 -10.36 -5.97
C VAL A 269 -35.37 -11.87 -5.87
N SER A 270 -36.49 -12.28 -5.28
CA SER A 270 -36.79 -13.70 -5.17
C SER A 270 -37.07 -14.30 -6.54
N LYS A 271 -36.91 -15.62 -6.62
CA LYS A 271 -37.15 -16.31 -7.89
C LYS A 271 -38.56 -16.11 -8.44
N PRO A 272 -39.64 -16.17 -7.64
CA PRO A 272 -40.97 -15.88 -8.21
C PRO A 272 -41.09 -14.50 -8.82
N LEU A 273 -40.40 -13.50 -8.27
CA LEU A 273 -40.44 -12.16 -8.85
C LEU A 273 -39.60 -12.11 -10.12
N LEU A 274 -38.48 -12.84 -10.15
CA LEU A 274 -37.66 -12.89 -11.37
C LEU A 274 -38.44 -13.48 -12.53
N ASP A 275 -39.25 -14.51 -12.26
CA ASP A 275 -40.08 -15.09 -13.31
C ASP A 275 -41.04 -14.08 -13.89
N VAL A 276 -41.54 -13.16 -13.06
CA VAL A 276 -42.41 -12.11 -13.56
C VAL A 276 -41.60 -11.09 -14.36
N LEU A 277 -40.40 -10.75 -13.89
CA LEU A 277 -39.56 -9.80 -14.61
C LEU A 277 -39.16 -10.33 -15.98
N GLU A 278 -38.91 -11.65 -16.07
CA GLU A 278 -38.62 -12.24 -17.37
C GLU A 278 -39.84 -12.23 -18.29
N GLN A 279 -41.03 -12.43 -17.69
CA GLN A 279 -42.25 -12.44 -18.49
C GLN A 279 -42.47 -11.10 -19.17
N TYR A 280 -42.13 -10.00 -18.50
CA TYR A 280 -42.33 -8.66 -19.02
C TYR A 280 -41.00 -7.95 -19.31
N TYR A 281 -39.95 -8.71 -19.61
CA TYR A 281 -38.65 -8.11 -19.85
C TYR A 281 -38.67 -7.24 -21.09
N ASP A 282 -39.29 -7.73 -22.17
CA ASP A 282 -39.34 -6.95 -23.41
C ASP A 282 -40.14 -5.66 -23.24
N GLU A 283 -41.14 -5.67 -22.36
CA GLU A 283 -41.96 -4.48 -22.14
C GLU A 283 -41.29 -3.47 -21.22
N CYS A 284 -40.32 -3.89 -20.41
CA CYS A 284 -39.62 -3.01 -19.49
C CYS A 284 -38.28 -2.54 -20.02
N GLN A 285 -37.52 -3.42 -20.67
CA GLN A 285 -36.15 -3.10 -21.09
C GLN A 285 -36.12 -1.97 -22.11
N SER A 286 -35.68 -0.79 -21.68
CA SER A 286 -35.35 0.27 -22.61
C SER A 286 -33.90 0.11 -23.06
N TRP A 287 -33.51 0.93 -24.03
CA TRP A 287 -32.19 0.82 -24.64
C TRP A 287 -31.49 2.17 -24.68
N GLY A 288 -31.75 3.01 -23.69
CA GLY A 288 -31.11 4.31 -23.59
C GLY A 288 -30.13 4.38 -22.44
N GLU A 289 -30.32 5.37 -21.55
N GLU A 289 -30.32 5.37 -21.55
CA GLU A 289 -29.40 5.60 -20.43
CA GLU A 289 -29.40 5.57 -20.43
C GLU A 289 -30.16 5.73 -19.11
C GLU A 289 -30.16 5.73 -19.11
N GLN A 290 -31.32 5.11 -19.00
CA GLN A 290 -32.03 5.12 -17.72
C GLN A 290 -31.29 4.21 -16.74
N PRO A 291 -31.08 4.66 -15.50
CA PRO A 291 -30.38 3.81 -14.53
C PRO A 291 -31.08 2.47 -14.38
N GLY A 292 -30.29 1.39 -14.44
CA GLY A 292 -30.86 0.06 -14.39
C GLY A 292 -31.59 -0.25 -13.11
N ASP A 293 -31.10 0.28 -11.98
CA ASP A 293 -31.78 0.03 -10.71
C ASP A 293 -33.12 0.74 -10.65
N GLN A 294 -33.23 1.93 -11.26
CA GLN A 294 -34.52 2.60 -11.33
C GLN A 294 -35.47 1.89 -12.29
N LYS A 295 -34.94 1.44 -13.43
CA LYS A 295 -35.75 0.64 -14.35
C LYS A 295 -36.23 -0.64 -13.69
N LEU A 296 -35.37 -1.27 -12.89
CA LEU A 296 -35.76 -2.48 -12.18
C LEU A 296 -36.92 -2.21 -11.23
N GLY A 297 -36.83 -1.12 -10.46
CA GLY A 297 -37.91 -0.79 -9.53
C GLY A 297 -39.20 -0.45 -10.24
N GLN A 298 -39.12 0.32 -11.33
CA GLN A 298 -40.32 0.69 -12.06
C GLN A 298 -40.97 -0.53 -12.71
N CYS A 299 -40.16 -1.47 -13.19
CA CYS A 299 -40.71 -2.69 -13.77
C CYS A 299 -41.42 -3.53 -12.71
N ILE A 300 -40.87 -3.57 -11.50
CA ILE A 300 -41.53 -4.29 -10.41
C ILE A 300 -42.79 -3.54 -9.98
N GLN A 301 -42.73 -2.20 -9.94
CA GLN A 301 -43.89 -1.42 -9.58
C GLN A 301 -45.02 -1.59 -10.57
N LYS A 302 -44.69 -1.80 -11.86
CA LYS A 302 -45.71 -1.87 -12.90
C LYS A 302 -46.30 -3.26 -13.05
N TYR A 303 -45.46 -4.30 -13.16
CA TYR A 303 -45.93 -5.65 -13.42
C TYR A 303 -45.68 -6.63 -12.28
N GLY A 304 -44.96 -6.24 -11.25
CA GLY A 304 -44.55 -7.18 -10.22
C GLY A 304 -45.55 -7.42 -9.11
N ASP A 305 -46.35 -6.40 -8.78
CA ASP A 305 -47.29 -6.45 -7.67
C ASP A 305 -46.56 -6.84 -6.38
N THR A 306 -45.36 -6.32 -6.22
CA THR A 306 -44.51 -6.63 -5.07
C THR A 306 -43.97 -5.32 -4.52
N PRO A 307 -44.29 -4.96 -3.28
CA PRO A 307 -43.74 -3.72 -2.71
C PRO A 307 -42.28 -3.88 -2.36
N LEU A 308 -41.59 -2.75 -2.25
CA LEU A 308 -40.18 -2.73 -1.90
C LEU A 308 -40.02 -2.96 -0.41
N THR A 309 -39.24 -3.97 -0.04
CA THR A 309 -38.89 -4.22 1.35
C THR A 309 -37.59 -3.49 1.67
N LEU A 310 -37.64 -2.59 2.65
CA LEU A 310 -36.51 -1.72 2.96
C LEU A 310 -35.61 -2.36 4.00
N TRP A 311 -34.32 -2.46 3.67
CA TRP A 311 -33.30 -2.92 4.61
C TRP A 311 -32.38 -1.76 4.94
N PRO A 312 -32.55 -1.10 6.09
CA PRO A 312 -31.67 0.04 6.43
C PRO A 312 -30.22 -0.36 6.67
N SER A 313 -29.91 -1.65 6.74
CA SER A 313 -28.54 -2.10 6.91
C SER A 313 -27.74 -2.09 5.61
N LEU A 314 -28.40 -1.97 4.46
CA LEU A 314 -27.71 -1.80 3.20
C LEU A 314 -27.54 -0.30 2.94
N TYR A 315 -26.32 0.11 2.61
CA TYR A 315 -25.99 1.53 2.53
C TYR A 315 -25.47 1.86 1.14
N GLN A 316 -26.18 2.75 0.43
CA GLN A 316 -25.76 3.19 -0.89
C GLN A 316 -24.59 4.15 -0.81
N MET A 317 -24.51 4.95 0.26
CA MET A 317 -23.45 5.92 0.47
C MET A 317 -23.44 6.97 -0.67
N ASP A 318 -24.59 7.61 -0.85
CA ASP A 318 -24.71 8.74 -1.78
C ASP A 318 -24.22 10.00 -1.09
N MET A 319 -22.91 10.02 -0.82
CA MET A 319 -22.31 11.09 -0.04
C MET A 319 -20.82 11.16 -0.36
N LYS A 320 -20.27 12.35 -0.27
CA LYS A 320 -18.86 12.60 -0.59
C LYS A 320 -18.17 13.26 0.60
N GLY A 321 -16.84 13.19 0.60
CA GLY A 321 -16.06 13.76 1.68
C GLY A 321 -15.68 12.74 2.74
N GLU A 322 -15.64 13.17 3.99
CA GLU A 322 -15.29 12.29 5.10
C GLU A 322 -16.53 11.48 5.50
N VAL A 323 -16.41 10.15 5.40
CA VAL A 323 -17.50 9.25 5.73
C VAL A 323 -17.36 8.70 7.16
N ASP A 324 -16.63 9.42 8.02
CA ASP A 324 -16.36 8.92 9.38
C ASP A 324 -17.65 8.72 10.15
N GLY A 325 -18.63 9.60 9.96
CA GLY A 325 -19.85 9.51 10.75
C GLY A 325 -20.64 8.24 10.52
N VAL A 326 -20.68 7.77 9.27
CA VAL A 326 -21.42 6.55 8.97
C VAL A 326 -20.66 5.32 9.44
N TYR A 327 -19.34 5.30 9.24
CA TYR A 327 -18.55 4.14 9.64
C TYR A 327 -18.41 4.04 11.16
N GLU A 328 -18.34 5.17 11.85
CA GLU A 328 -18.25 5.19 13.31
C GLU A 328 -19.61 5.34 13.97
N SER A 329 -20.69 5.03 13.25
CA SER A 329 -22.04 5.23 13.78
C SER A 329 -22.49 4.11 14.70
N GLY A 330 -21.85 2.95 14.66
CA GLY A 330 -22.33 1.81 15.40
C GLY A 330 -23.61 1.20 14.89
N ARG A 331 -24.15 1.69 13.78
CA ARG A 331 -25.35 1.13 13.19
C ARG A 331 -25.04 -0.23 12.56
N LYS A 332 -26.10 -1.00 12.31
CA LYS A 332 -25.96 -2.27 11.61
C LYS A 332 -25.62 -2.00 10.16
N ILE A 333 -24.41 -2.37 9.75
CA ILE A 333 -23.90 -2.12 8.40
C ILE A 333 -23.61 -3.46 7.76
N GLU A 334 -24.38 -3.82 6.73
CA GLU A 334 -24.20 -5.09 6.04
C GLU A 334 -23.67 -4.95 4.62
N SER A 335 -23.80 -3.76 4.01
CA SER A 335 -23.24 -3.52 2.69
C SER A 335 -22.79 -2.08 2.61
N LEU A 336 -21.67 -1.86 1.91
CA LEU A 336 -21.12 -0.53 1.70
C LEU A 336 -20.91 -0.30 0.20
N HIS A 337 -20.70 0.96 -0.15
CA HIS A 337 -20.70 1.36 -1.56
C HIS A 337 -19.96 2.68 -1.70
N HIS A 338 -19.55 2.98 -2.92
CA HIS A 338 -18.93 4.24 -3.32
C HIS A 338 -17.57 4.49 -2.68
N TRP A 339 -16.99 3.47 -2.04
CA TRP A 339 -15.74 3.64 -1.30
C TRP A 339 -14.51 3.74 -2.19
N ASN A 340 -14.66 3.61 -3.51
CA ASN A 340 -13.56 3.75 -4.44
C ASN A 340 -13.91 4.72 -5.57
N SER A 341 -14.77 5.71 -5.29
CA SER A 341 -15.20 6.65 -6.30
C SER A 341 -15.69 7.96 -5.68
N TRP A 342 -16.92 7.96 -5.15
CA TRP A 342 -17.44 9.15 -4.50
C TRP A 342 -16.59 9.55 -3.30
N TYR A 343 -16.12 8.57 -2.54
CA TYR A 343 -15.14 8.78 -1.49
C TYR A 343 -14.10 7.68 -1.57
N THR A 344 -13.05 7.80 -0.77
CA THR A 344 -11.94 6.86 -0.78
C THR A 344 -11.81 6.23 0.60
N LYS A 345 -11.95 4.91 0.66
CA LYS A 345 -11.83 4.18 1.93
C LYS A 345 -11.47 2.75 1.63
N ASP A 346 -10.34 2.28 2.18
CA ASP A 346 -9.86 0.92 1.95
C ASP A 346 -10.67 -0.03 2.83
N VAL A 347 -11.80 -0.48 2.30
CA VAL A 347 -12.65 -1.40 3.06
C VAL A 347 -11.98 -2.76 3.20
N VAL A 348 -11.09 -3.11 2.28
CA VAL A 348 -10.34 -4.36 2.40
C VAL A 348 -9.40 -4.30 3.61
N LYS A 349 -8.64 -3.21 3.72
CA LYS A 349 -7.80 -3.00 4.90
C LYS A 349 -8.63 -2.95 6.17
N MET A 350 -9.86 -2.43 6.07
CA MET A 350 -10.71 -2.25 7.25
C MET A 350 -11.22 -3.59 7.78
N THR A 351 -11.52 -4.53 6.89
CA THR A 351 -12.03 -5.84 7.28
C THR A 351 -10.92 -6.84 7.60
N THR A 352 -9.66 -6.39 7.65
CA THR A 352 -8.56 -7.30 7.95
C THR A 352 -8.72 -7.95 9.32
N VAL A 353 -9.31 -7.23 10.28
CA VAL A 353 -9.49 -7.75 11.62
C VAL A 353 -10.43 -8.95 11.65
N ALA A 354 -11.23 -9.14 10.60
CA ALA A 354 -12.18 -10.25 10.57
C ALA A 354 -11.47 -11.60 10.62
N ALA A 355 -10.21 -11.65 10.17
CA ALA A 355 -9.47 -12.90 10.22
C ALA A 355 -9.21 -13.35 11.66
N ALA A 356 -9.25 -12.43 12.62
CA ALA A 356 -9.01 -12.73 14.02
C ALA A 356 -10.26 -12.66 14.89
N ALA A 357 -11.14 -11.69 14.64
CA ALA A 357 -12.31 -11.48 15.48
C ALA A 357 -13.63 -11.69 14.74
N GLY A 358 -13.61 -12.24 13.54
CA GLY A 358 -14.82 -12.53 12.80
C GLY A 358 -15.31 -11.34 11.99
N ARG A 359 -16.18 -11.64 11.03
CA ARG A 359 -16.69 -10.60 10.13
C ARG A 359 -17.51 -9.56 10.90
N LYS A 360 -18.32 -10.01 11.85
CA LYS A 360 -19.23 -9.10 12.56
C LYS A 360 -18.50 -8.15 13.51
N SER A 361 -17.20 -8.31 13.69
CA SER A 361 -16.44 -7.39 14.53
C SER A 361 -16.04 -6.10 13.82
N VAL A 362 -16.18 -6.05 12.50
CA VAL A 362 -15.77 -4.87 11.75
C VAL A 362 -16.73 -3.73 12.04
N LEU A 363 -16.18 -2.56 12.34
CA LEU A 363 -16.90 -1.32 12.66
C LEU A 363 -17.65 -1.41 13.98
N ARG A 364 -17.38 -2.42 14.81
CA ARG A 364 -17.94 -2.44 16.15
C ARG A 364 -17.21 -1.45 17.04
N ARG A 365 -17.95 -0.83 17.95
CA ARG A 365 -17.43 0.28 18.74
C ARG A 365 -17.23 -0.13 20.20
N TRP A 366 -16.08 0.26 20.74
CA TRP A 366 -15.77 0.10 22.16
C TRP A 366 -15.37 1.44 22.73
N VAL A 367 -15.81 1.72 23.96
CA VAL A 367 -15.39 2.90 24.69
C VAL A 367 -14.58 2.46 25.89
N PHE A 368 -13.50 3.18 26.19
CA PHE A 368 -12.59 2.79 27.25
C PHE A 368 -11.74 3.97 27.65
N ASP A 369 -10.96 3.79 28.72
CA ASP A 369 -9.97 4.76 29.19
C ASP A 369 -10.62 6.10 29.51
N GLN A 370 -11.65 6.06 30.36
CA GLN A 370 -12.28 7.28 30.84
C GLN A 370 -11.43 7.89 31.95
N GLU A 371 -11.00 9.14 31.75
CA GLU A 371 -10.17 9.84 32.72
C GLU A 371 -10.75 11.21 32.99
N GLU A 372 -10.56 11.68 34.23
CA GLU A 372 -11.11 12.95 34.68
C GLU A 372 -10.00 13.79 35.27
N TYR A 373 -9.95 15.07 34.89
CA TYR A 373 -8.96 16.03 35.36
C TYR A 373 -9.71 17.16 36.06
N VAL A 374 -9.91 17.02 37.37
CA VAL A 374 -10.68 17.99 38.12
C VAL A 374 -9.81 19.18 38.49
N ASN A 375 -10.45 20.34 38.63
CA ASN A 375 -9.79 21.55 39.15
C ASN A 375 -10.23 21.70 40.61
N ASN A 376 -9.27 21.58 41.52
CA ASN A 376 -9.59 21.57 42.94
C ASN A 376 -10.09 22.91 43.47
N SER A 377 -10.08 23.96 42.64
CA SER A 377 -10.59 25.26 43.03
C SER A 377 -12.02 25.51 42.56
N THR A 378 -12.35 25.15 41.32
CA THR A 378 -13.67 25.35 40.78
C THR A 378 -14.55 24.11 40.79
N GLY A 379 -13.96 22.93 40.92
CA GLY A 379 -14.71 21.69 40.92
C GLY A 379 -15.04 21.13 39.55
N LYS A 380 -14.96 21.95 38.51
CA LYS A 380 -15.24 21.47 37.16
C LYS A 380 -14.06 20.67 36.63
N SER A 381 -14.36 19.72 35.74
CA SER A 381 -13.37 18.77 35.26
C SER A 381 -13.41 18.66 33.75
N VAL A 382 -12.23 18.43 33.17
CA VAL A 382 -12.10 18.11 31.76
C VAL A 382 -12.04 16.60 31.64
N ARG A 383 -12.99 16.01 30.92
CA ARG A 383 -13.11 14.56 30.82
C ARG A 383 -12.56 14.08 29.48
N THR A 384 -12.04 12.85 29.49
CA THR A 384 -11.37 12.27 28.33
C THR A 384 -11.73 10.79 28.23
N PHE A 385 -12.08 10.35 27.03
CA PHE A 385 -12.35 8.94 26.79
C PHE A 385 -12.05 8.61 25.33
N TRP A 386 -11.81 7.32 25.07
CA TRP A 386 -11.51 6.83 23.74
C TRP A 386 -12.66 5.98 23.21
N VAL A 387 -12.86 6.04 21.90
CA VAL A 387 -13.84 5.22 21.20
C VAL A 387 -13.15 4.59 19.99
N MET A 388 -13.11 3.26 19.96
CA MET A 388 -12.50 2.52 18.87
C MET A 388 -13.59 1.98 17.96
N THR A 389 -13.61 2.43 16.71
CA THR A 389 -14.39 1.79 15.66
C THR A 389 -13.49 0.76 14.99
N ASN A 390 -13.77 -0.52 15.26
CA ASN A 390 -12.84 -1.59 14.91
C ASN A 390 -12.58 -1.61 13.41
N GLY A 391 -11.31 -1.44 13.04
CA GLY A 391 -10.93 -1.42 11.65
C GLY A 391 -11.09 -0.09 10.95
N TYR A 392 -11.44 0.97 11.68
CA TYR A 392 -11.65 2.27 11.04
C TYR A 392 -10.87 3.37 11.73
N SER A 393 -11.17 3.65 12.99
CA SER A 393 -10.58 4.82 13.64
C SER A 393 -10.45 4.60 15.14
N LEU A 394 -9.53 5.35 15.73
CA LEU A 394 -9.39 5.51 17.18
C LEU A 394 -9.55 6.99 17.48
N VAL A 395 -10.61 7.35 18.20
CA VAL A 395 -10.96 8.74 18.44
C VAL A 395 -10.86 9.02 19.93
N LYS A 396 -10.08 10.05 20.29
CA LYS A 396 -9.97 10.53 21.66
C LYS A 396 -10.87 11.75 21.82
N TYR A 397 -11.88 11.65 22.67
CA TYR A 397 -12.81 12.74 22.90
C TYR A 397 -12.43 13.48 24.17
N THR A 398 -12.47 14.82 24.11
CA THR A 398 -12.13 15.67 25.24
C THR A 398 -13.29 16.62 25.49
N TYR A 399 -13.98 16.44 26.62
CA TYR A 399 -15.04 17.34 27.04
C TYR A 399 -14.44 18.38 27.99
N ASP A 400 -14.68 19.66 27.70
CA ASP A 400 -14.08 20.71 28.52
C ASP A 400 -14.85 20.91 29.82
N GLU A 401 -14.63 22.05 30.49
N GLU A 401 -14.64 22.06 30.47
CA GLU A 401 -15.25 22.28 31.78
CA GLU A 401 -15.24 22.30 31.78
C GLU A 401 -16.76 22.50 31.66
C GLU A 401 -16.74 22.55 31.68
N ASN A 402 -17.21 23.11 30.57
CA ASN A 402 -18.62 23.42 30.38
C ASN A 402 -19.37 22.37 29.57
N THR A 403 -18.73 21.24 29.28
CA THR A 403 -19.36 20.21 28.45
C THR A 403 -19.84 19.07 29.33
N PRO A 404 -21.12 18.70 29.28
CA PRO A 404 -21.60 17.61 30.13
C PRO A 404 -21.21 16.25 29.57
N ASP A 405 -21.48 15.22 30.38
CA ASP A 405 -21.09 13.86 30.01
C ASP A 405 -21.90 13.36 28.81
N ASP A 406 -23.19 13.70 28.75
CA ASP A 406 -24.06 13.27 27.67
C ASP A 406 -24.06 14.22 26.48
N ALA A 407 -22.97 14.96 26.26
CA ALA A 407 -22.91 15.91 25.16
C ALA A 407 -23.00 15.24 23.79
N ILE A 408 -22.62 13.97 23.69
CA ILE A 408 -22.66 13.24 22.43
C ILE A 408 -23.51 12.00 22.63
N ASN A 409 -24.56 11.86 21.82
CA ASN A 409 -25.35 10.63 21.76
C ASN A 409 -24.73 9.78 20.65
N PHE A 410 -23.94 8.78 21.04
CA PHE A 410 -23.22 7.98 20.05
C PHE A 410 -24.14 7.06 19.26
N ASP A 411 -25.43 7.01 19.57
CA ASP A 411 -26.40 6.37 18.70
C ASP A 411 -26.92 7.30 17.62
N HIS A 412 -26.56 8.58 17.68
CA HIS A 412 -26.83 9.52 16.60
C HIS A 412 -25.63 9.58 15.66
N THR A 413 -25.90 9.74 14.37
CA THR A 413 -24.84 9.68 13.37
C THR A 413 -24.20 11.06 13.22
N GLU A 414 -22.88 11.11 13.37
CA GLU A 414 -22.15 12.35 13.20
C GLU A 414 -22.11 12.73 11.72
N LYS A 415 -22.45 13.99 11.43
CA LYS A 415 -22.48 14.48 10.05
C LYS A 415 -21.08 14.96 9.68
N THR A 416 -20.33 14.11 8.97
CA THR A 416 -18.96 14.44 8.58
C THR A 416 -18.77 14.61 7.09
N TRP A 417 -19.79 14.33 6.27
CA TRP A 417 -19.66 14.43 4.83
C TRP A 417 -19.94 15.86 4.38
N GLU A 418 -19.87 16.08 3.06
CA GLU A 418 -19.88 17.43 2.50
C GLU A 418 -21.30 17.96 2.23
N GLU A 419 -22.21 17.09 1.80
CA GLU A 419 -23.53 17.53 1.36
C GLU A 419 -24.33 18.12 2.53
N ASP A 420 -25.46 18.73 2.19
CA ASP A 420 -26.29 19.39 3.18
C ASP A 420 -26.85 18.34 4.15
N PRO A 421 -26.69 18.52 5.47
CA PRO A 421 -27.18 17.51 6.42
C PRO A 421 -28.70 17.36 6.42
N ARG A 422 -29.44 18.33 5.90
CA ARG A 422 -30.90 18.24 5.95
C ARG A 422 -31.43 17.09 5.10
N GLY A 423 -30.77 16.77 3.99
CA GLY A 423 -31.21 15.67 3.15
C GLY A 423 -30.87 14.30 3.68
N TYR A 424 -30.15 14.22 4.80
CA TYR A 424 -29.77 12.94 5.40
C TYR A 424 -30.44 12.70 6.74
N GLU A 425 -31.30 13.61 7.19
CA GLU A 425 -31.92 13.45 8.50
C GLU A 425 -32.93 12.31 8.51
N GLY A 426 -33.66 12.13 7.41
CA GLY A 426 -34.67 11.09 7.36
C GLY A 426 -34.09 9.69 7.38
N ARG A 427 -33.03 9.46 6.60
CA ARG A 427 -32.46 8.13 6.51
C ARG A 427 -31.46 7.84 7.63
N LEU A 428 -30.58 8.80 7.93
CA LEU A 428 -29.52 8.61 8.91
C LEU A 428 -29.89 9.16 10.29
N GLY A 429 -31.18 9.30 10.57
CA GLY A 429 -31.65 9.69 11.88
C GLY A 429 -31.19 11.07 12.31
N PRO A 430 -31.36 11.39 13.58
CA PRO A 430 -30.89 12.69 14.09
C PRO A 430 -29.36 12.77 14.01
N LEU A 431 -28.88 13.82 13.36
CA LEU A 431 -27.45 13.98 13.09
C LEU A 431 -26.80 14.86 14.15
N ARG A 432 -25.60 14.47 14.57
CA ARG A 432 -24.76 15.32 15.38
C ARG A 432 -23.88 16.19 14.51
N LEU A 433 -23.38 17.27 15.09
CA LEU A 433 -22.51 18.18 14.37
C LEU A 433 -21.09 17.64 14.32
N LYS A 434 -20.41 17.90 13.20
CA LYS A 434 -19.01 17.53 13.09
C LYS A 434 -18.16 18.32 14.08
N ASP A 435 -18.39 19.62 14.16
CA ASP A 435 -17.70 20.50 15.10
C ASP A 435 -18.71 20.91 16.18
N GLN A 436 -18.65 20.23 17.31
CA GLN A 436 -19.51 20.51 18.45
C GLN A 436 -18.74 21.32 19.49
N ALA A 437 -19.36 22.38 19.99
CA ALA A 437 -18.68 23.28 20.91
C ALA A 437 -18.34 22.55 22.21
N GLY A 438 -17.11 22.74 22.69
CA GLY A 438 -16.65 22.12 23.90
C GLY A 438 -16.14 20.71 23.76
N VAL A 439 -16.19 20.13 22.56
CA VAL A 439 -15.76 18.76 22.32
C VAL A 439 -14.58 18.77 21.37
N THR A 440 -13.49 18.11 21.77
CA THR A 440 -12.33 17.92 20.92
C THR A 440 -12.31 16.48 20.42
N LYS A 441 -12.09 16.30 19.12
CA LYS A 441 -12.12 14.99 18.48
C LYS A 441 -10.80 14.75 17.77
N ASP A 442 -9.89 14.03 18.43
CA ASP A 442 -8.63 13.62 17.84
C ASP A 442 -8.78 12.19 17.32
N ARG A 443 -8.61 12.02 16.01
CA ARG A 443 -8.94 10.78 15.33
C ARG A 443 -7.68 10.12 14.78
N TRP A 444 -7.51 8.84 15.10
CA TRP A 444 -6.43 8.01 14.54
C TRP A 444 -7.05 7.09 13.50
N LEU A 445 -6.79 7.37 12.23
CA LEU A 445 -7.34 6.57 11.14
C LEU A 445 -6.49 5.35 10.87
N LEU A 446 -7.14 4.23 10.54
CA LEU A 446 -6.42 3.01 10.23
C LEU A 446 -5.58 3.20 8.96
N ARG A 447 -4.27 3.00 9.10
CA ARG A 447 -3.34 3.18 8.00
C ARG A 447 -2.86 1.86 7.40
N GLU A 448 -2.55 0.87 8.25
CA GLU A 448 -2.08 -0.42 7.79
C GLU A 448 -2.74 -1.52 8.61
N ALA A 449 -2.80 -2.71 8.02
CA ALA A 449 -3.36 -3.88 8.69
C ALA A 449 -2.76 -5.13 8.07
N TYR A 450 -2.30 -6.05 8.92
CA TYR A 450 -1.64 -7.27 8.45
C TYR A 450 -2.06 -8.45 9.30
N VAL A 451 -2.21 -9.61 8.66
CA VAL A 451 -2.47 -10.87 9.35
C VAL A 451 -1.13 -11.59 9.51
N VAL A 452 -0.75 -11.84 10.76
CA VAL A 452 0.50 -12.53 11.09
C VAL A 452 0.12 -13.74 11.93
N GLY A 453 0.07 -14.90 11.31
CA GLY A 453 -0.35 -16.09 12.04
C GLY A 453 -1.80 -15.99 12.43
N ASP A 454 -2.08 -16.15 13.71
CA ASP A 454 -3.42 -16.02 14.25
C ASP A 454 -3.76 -14.60 14.67
N ASN A 455 -2.83 -13.67 14.53
CA ASN A 455 -3.01 -12.30 15.02
C ASN A 455 -3.15 -11.34 13.85
N VAL A 456 -3.87 -10.25 14.10
CA VAL A 456 -4.05 -9.17 13.13
C VAL A 456 -3.52 -7.89 13.77
N HIS A 457 -2.59 -7.23 13.09
CA HIS A 457 -2.01 -5.97 13.55
C HIS A 457 -2.71 -4.81 12.85
N GLN A 458 -3.39 -3.97 13.63
CA GLN A 458 -4.03 -2.77 13.11
C GLN A 458 -3.14 -1.57 13.41
N TRP A 459 -2.84 -0.79 12.37
CA TRP A 459 -1.91 0.34 12.47
C TRP A 459 -2.70 1.64 12.25
N TYR A 460 -3.17 2.23 13.34
CA TYR A 460 -3.85 3.51 13.30
C TYR A 460 -2.84 4.64 13.39
N VAL A 461 -3.04 5.68 12.61
CA VAL A 461 -2.08 6.77 12.48
C VAL A 461 -2.81 8.11 12.52
N ARG A 462 -2.31 9.03 13.33
CA ARG A 462 -2.73 10.43 13.30
C ARG A 462 -1.49 11.29 13.07
N GLU A 463 -1.54 12.14 12.05
CA GLU A 463 -0.42 13.01 11.70
C GLU A 463 -0.58 14.31 12.46
N GLU A 464 0.05 14.39 13.62
CA GLU A 464 0.02 15.59 14.44
C GLU A 464 1.18 16.51 14.10
N ASP A 465 1.04 17.78 14.51
CA ASP A 465 2.09 18.76 14.24
C ASP A 465 3.38 18.40 14.95
N GLU A 466 3.31 17.70 16.08
N GLU A 466 3.30 17.70 16.08
CA GLU A 466 4.48 17.39 16.88
CA GLU A 466 4.47 17.38 16.89
C GLU A 466 5.05 15.99 16.61
C GLU A 466 5.11 16.04 16.54
N GLY A 467 4.51 15.27 15.65
CA GLY A 467 5.10 14.00 15.27
C GLY A 467 4.09 13.05 14.66
N HIS A 468 4.61 11.88 14.29
CA HIS A 468 3.84 10.81 13.65
C HIS A 468 3.28 9.92 14.76
N SER A 469 2.00 10.14 15.10
CA SER A 469 1.37 9.42 16.19
C SER A 469 0.80 8.10 15.70
N VAL A 470 1.16 7.00 16.37
CA VAL A 470 0.79 5.66 15.97
C VAL A 470 0.12 4.96 17.15
N ILE A 471 -1.02 4.32 16.88
CA ILE A 471 -1.69 3.45 17.84
C ILE A 471 -1.91 2.10 17.16
N GLU A 472 -1.30 1.06 17.71
CA GLU A 472 -1.39 -0.29 17.16
C GLU A 472 -2.31 -1.14 18.02
N ILE A 473 -3.25 -1.82 17.39
CA ILE A 473 -4.13 -2.76 18.06
C ILE A 473 -3.84 -4.15 17.51
N VAL A 474 -3.33 -5.02 18.37
CA VAL A 474 -3.00 -6.40 17.99
C VAL A 474 -4.12 -7.30 18.49
N TRP A 475 -4.86 -7.90 17.57
CA TRP A 475 -5.94 -8.81 17.90
C TRP A 475 -5.39 -10.22 18.00
N LEU A 476 -5.45 -10.81 19.21
CA LEU A 476 -4.92 -12.15 19.44
C LEU A 476 -6.01 -13.17 19.12
N GLY A 477 -6.17 -13.41 17.82
CA GLY A 477 -7.16 -14.35 17.33
C GLY A 477 -6.84 -15.77 17.71
N PRO A 478 -7.82 -16.66 17.58
CA PRO A 478 -7.62 -18.06 17.98
C PRO A 478 -6.83 -18.83 16.93
N LYS A 479 -6.43 -20.04 17.31
CA LYS A 479 -5.63 -20.89 16.44
C LYS A 479 -6.42 -21.26 15.19
N GLY A 480 -5.71 -21.30 14.05
CA GLY A 480 -6.34 -21.61 12.78
C GLY A 480 -7.13 -20.49 12.17
N GLY A 481 -7.23 -19.35 12.82
CA GLY A 481 -7.98 -18.23 12.28
C GLY A 481 -9.32 -18.06 12.97
N GLY A 482 -9.78 -16.81 13.04
CA GLY A 482 -11.05 -16.48 13.63
C GLY A 482 -12.21 -16.40 12.68
N GLY A 483 -11.98 -16.66 11.40
CA GLY A 483 -13.06 -16.62 10.42
C GLY A 483 -12.69 -15.94 9.13
N ALA A 484 -13.59 -15.10 8.61
CA ALA A 484 -13.41 -14.44 7.32
C ALA A 484 -13.17 -15.46 6.20
N GLY A 485 -13.86 -16.60 6.30
CA GLY A 485 -13.79 -17.61 5.26
C GLY A 485 -12.50 -18.38 5.17
N VAL A 486 -11.74 -18.47 6.26
CA VAL A 486 -10.47 -19.19 6.22
C VAL A 486 -10.69 -20.70 6.24
N HIS A 487 -11.81 -21.16 6.79
CA HIS A 487 -12.13 -22.58 6.84
C HIS A 487 -13.09 -23.02 5.75
N ASP A 488 -13.49 -22.11 4.86
CA ASP A 488 -14.49 -22.38 3.83
C ASP A 488 -13.86 -22.45 2.44
N TYR A 489 -12.65 -23.02 2.35
CA TYR A 489 -11.96 -23.07 1.05
C TYR A 489 -12.47 -24.20 0.17
N ALA A 490 -12.91 -25.31 0.76
CA ALA A 490 -13.45 -26.44 0.01
C ALA A 490 -14.98 -26.44 -0.03
N VAL A 491 -15.60 -25.27 0.16
CA VAL A 491 -17.05 -25.21 0.30
C VAL A 491 -17.76 -25.23 -1.05
N ARG A 492 -17.05 -24.97 -2.15
CA ARG A 492 -17.61 -25.04 -3.49
C ARG A 492 -17.26 -26.34 -4.20
N LYS A 493 -16.66 -27.29 -3.49
CA LYS A 493 -16.16 -28.50 -4.11
C LYS A 493 -17.27 -29.53 -4.29
N GLN A 494 -17.07 -30.42 -5.26
CA GLN A 494 -18.02 -31.49 -5.60
C GLN A 494 -19.39 -30.93 -5.94
N THR B 34 9.56 -30.66 12.00
CA THR B 34 10.83 -30.04 12.36
C THR B 34 11.51 -29.43 11.13
N CYS B 35 11.52 -28.10 11.07
CA CYS B 35 12.19 -27.36 10.01
C CYS B 35 13.47 -26.74 10.55
N GLN B 36 14.39 -26.44 9.63
CA GLN B 36 15.66 -25.82 9.98
CA GLN B 36 15.66 -25.83 10.01
C GLN B 36 15.46 -24.41 10.53
N PRO B 39 11.82 -22.12 15.50
CA PRO B 39 10.91 -20.99 15.50
C PRO B 39 10.45 -20.58 14.10
N TYR B 40 9.28 -21.07 13.69
CA TYR B 40 8.76 -20.73 12.38
C TYR B 40 8.27 -19.28 12.37
N ILE B 41 8.67 -18.54 11.34
CA ILE B 41 8.33 -17.12 11.22
C ILE B 41 7.13 -17.01 10.29
N MET B 42 6.01 -16.53 10.84
CA MET B 42 4.82 -16.35 10.02
C MET B 42 4.92 -15.09 9.18
N PRO B 43 4.55 -15.14 7.91
CA PRO B 43 4.67 -13.98 7.04
C PRO B 43 3.58 -12.96 7.32
N PRO B 44 3.92 -11.67 7.33
CA PRO B 44 2.89 -10.63 7.46
C PRO B 44 2.09 -10.53 6.17
N LEU B 45 0.78 -10.70 6.28
CA LEU B 45 -0.08 -10.74 5.10
C LEU B 45 -1.14 -9.65 5.17
N PRO B 46 -1.06 -8.63 4.32
CA PRO B 46 -2.23 -7.76 4.13
C PRO B 46 -3.35 -8.54 3.48
N PHE B 47 -4.57 -8.03 3.64
CA PHE B 47 -5.73 -8.74 3.12
C PHE B 47 -5.68 -8.90 1.61
N THR B 48 -4.96 -8.02 0.90
CA THR B 48 -4.78 -8.20 -0.54
C THR B 48 -4.01 -9.48 -0.86
N GLU B 49 -3.18 -9.94 0.06
CA GLU B 49 -2.46 -11.20 -0.10
C GLU B 49 -3.06 -12.33 0.72
N TRP B 50 -3.75 -12.01 1.82
CA TRP B 50 -4.35 -13.04 2.66
C TRP B 50 -5.60 -13.63 2.02
N LEU B 51 -6.39 -12.79 1.33
CA LEU B 51 -7.67 -13.27 0.80
C LEU B 51 -7.52 -14.24 -0.36
N PRO B 52 -6.75 -13.97 -1.41
CA PRO B 52 -6.79 -14.85 -2.58
C PRO B 52 -6.04 -16.15 -2.34
N ARG B 53 -6.37 -17.14 -3.18
CA ARG B 53 -5.54 -18.33 -3.29
C ARG B 53 -4.26 -17.99 -4.04
N LYS B 54 -3.20 -18.75 -3.76
CA LYS B 54 -1.91 -18.39 -4.33
C LYS B 54 -0.96 -19.58 -4.30
N ASN B 55 -0.10 -19.63 -5.30
CA ASN B 55 1.03 -20.55 -5.33
C ASN B 55 2.20 -19.89 -4.63
N TYR B 56 2.72 -20.55 -3.58
CA TYR B 56 3.62 -19.91 -2.64
C TYR B 56 4.93 -20.69 -2.50
N THR B 57 6.02 -19.94 -2.31
CA THR B 57 7.33 -20.50 -2.01
C THR B 57 8.11 -19.48 -1.21
N ARG B 58 9.01 -19.94 -0.36
CA ARG B 58 9.81 -19.06 0.48
C ARG B 58 11.23 -19.59 0.58
N ALA B 59 12.19 -18.66 0.65
CA ALA B 59 13.58 -18.99 0.91
C ALA B 59 14.12 -18.03 1.96
N TYR B 60 15.03 -18.55 2.79
CA TYR B 60 15.66 -17.76 3.84
C TYR B 60 17.05 -17.32 3.40
N PHE B 61 17.38 -16.06 3.70
CA PHE B 61 18.68 -15.49 3.38
C PHE B 61 19.25 -14.86 4.64
N ARG B 62 20.41 -15.34 5.08
CA ARG B 62 21.08 -14.81 6.26
CA ARG B 62 21.08 -14.81 6.26
C ARG B 62 22.28 -13.97 5.83
N PRO B 63 22.18 -12.64 5.85
CA PRO B 63 23.31 -11.80 5.42
C PRO B 63 24.41 -11.78 6.47
N ARG B 64 25.60 -12.23 6.07
CA ARG B 64 26.78 -12.15 6.93
C ARG B 64 27.52 -10.86 6.58
N PHE B 65 27.58 -9.95 7.54
CA PHE B 65 28.14 -8.62 7.28
C PHE B 65 29.67 -8.68 7.29
N VAL B 66 30.28 -8.07 6.27
CA VAL B 66 31.72 -7.99 6.16
C VAL B 66 32.14 -6.52 6.14
N SER B 67 33.35 -6.25 5.66
CA SER B 67 33.86 -4.89 5.67
C SER B 67 33.05 -4.01 4.72
N PRO B 68 32.89 -2.73 5.06
CA PRO B 68 32.16 -1.83 4.16
C PRO B 68 32.82 -1.66 2.80
N ARG B 69 34.13 -1.88 2.70
CA ARG B 69 34.86 -1.75 1.45
C ARG B 69 34.95 -3.06 0.68
N ALA B 70 34.25 -4.10 1.13
CA ALA B 70 34.26 -5.37 0.41
C ALA B 70 33.47 -5.26 -0.87
N GLU B 71 34.03 -5.80 -1.95
CA GLU B 71 33.42 -5.78 -3.26
C GLU B 71 32.91 -7.16 -3.64
N PHE B 72 31.82 -7.20 -4.40
CA PHE B 72 31.20 -8.44 -4.82
C PHE B 72 31.00 -8.43 -6.33
N SER B 73 30.84 -9.62 -6.89
CA SER B 73 30.56 -9.76 -8.31
C SER B 73 29.17 -9.21 -8.64
N SER B 74 28.99 -8.79 -9.89
CA SER B 74 27.70 -8.27 -10.33
C SER B 74 26.62 -9.34 -10.34
N LEU B 75 27.00 -10.63 -10.27
CA LEU B 75 26.05 -11.74 -10.28
C LEU B 75 26.70 -12.89 -9.50
N GLU B 76 26.56 -12.84 -8.18
CA GLU B 76 27.18 -13.83 -7.31
CA GLU B 76 27.18 -13.83 -7.31
C GLU B 76 26.40 -15.13 -7.36
N ASP B 77 27.12 -16.25 -7.44
CA ASP B 77 26.49 -17.56 -7.53
C ASP B 77 26.05 -18.04 -6.15
N ILE B 78 24.88 -18.68 -6.12
CA ILE B 78 24.47 -19.52 -5.01
C ILE B 78 24.50 -20.95 -5.51
N ASN B 79 25.33 -21.78 -4.89
CA ASN B 79 25.62 -23.11 -5.38
CA ASN B 79 25.61 -23.12 -5.39
C ASN B 79 24.81 -24.20 -4.68
N VAL B 80 23.94 -23.85 -3.75
CA VAL B 80 23.09 -24.83 -3.08
C VAL B 80 21.64 -24.54 -3.48
N PRO B 81 20.75 -25.54 -3.43
CA PRO B 81 19.35 -25.27 -3.77
C PRO B 81 18.75 -24.21 -2.87
N VAL B 82 17.96 -23.32 -3.47
CA VAL B 82 17.39 -22.17 -2.78
C VAL B 82 15.86 -22.29 -2.69
N LEU B 83 15.18 -22.30 -3.83
CA LEU B 83 13.72 -22.25 -3.84
C LEU B 83 13.14 -23.65 -3.74
N PRO B 84 12.37 -23.96 -2.70
CA PRO B 84 11.67 -25.25 -2.65
C PRO B 84 10.60 -25.35 -3.72
N PRO B 85 9.98 -26.52 -3.89
CA PRO B 85 8.86 -26.61 -4.83
C PRO B 85 7.69 -25.75 -4.38
N MET B 86 6.92 -25.28 -5.37
CA MET B 86 5.78 -24.42 -5.08
CA MET B 86 5.78 -24.42 -5.08
C MET B 86 4.67 -25.21 -4.39
N THR B 87 4.07 -24.58 -3.38
CA THR B 87 2.95 -25.16 -2.64
C THR B 87 1.70 -24.36 -2.91
N VAL B 88 0.62 -25.05 -3.28
CA VAL B 88 -0.66 -24.40 -3.53
C VAL B 88 -1.30 -24.06 -2.20
N LEU B 89 -1.56 -22.78 -1.97
CA LEU B 89 -2.16 -22.30 -0.73
C LEU B 89 -3.54 -21.74 -1.01
N GLU B 90 -4.45 -21.93 -0.06
CA GLU B 90 -5.79 -21.35 -0.14
C GLU B 90 -5.80 -19.95 0.45
N ARG B 91 -6.89 -19.58 1.10
CA ARG B 91 -6.97 -18.30 1.79
C ARG B 91 -6.09 -18.32 3.03
N GLY B 92 -5.35 -17.25 3.24
CA GLY B 92 -4.43 -17.20 4.38
C GLY B 92 -3.15 -17.90 4.05
N MET B 93 -2.76 -18.84 4.92
CA MET B 93 -1.62 -19.71 4.67
C MET B 93 -2.01 -21.19 4.72
N VAL B 94 -3.28 -21.49 4.48
CA VAL B 94 -3.77 -22.85 4.57
C VAL B 94 -3.26 -23.65 3.39
N VAL B 95 -2.61 -24.79 3.68
CA VAL B 95 -2.13 -25.68 2.64
C VAL B 95 -3.33 -26.34 1.98
N SER B 96 -3.43 -26.19 0.66
CA SER B 96 -4.60 -26.69 -0.06
C SER B 96 -4.56 -28.22 -0.17
N PRO B 97 -5.72 -28.86 -0.22
CA PRO B 97 -5.74 -30.30 -0.52
C PRO B 97 -5.26 -30.63 -1.92
N ASP B 98 -5.20 -29.64 -2.81
CA ASP B 98 -4.59 -29.81 -4.13
C ASP B 98 -3.08 -29.85 -4.07
N ASN B 99 -2.51 -30.55 -3.08
CA ASN B 99 -1.08 -30.57 -2.85
C ASN B 99 -0.60 -32.00 -2.61
N LYS B 100 0.64 -32.26 -3.03
CA LYS B 100 1.27 -33.54 -2.75
C LYS B 100 1.42 -33.78 -1.26
N ASP B 101 1.89 -32.76 -0.53
CA ASP B 101 2.12 -32.85 0.90
C ASP B 101 1.19 -31.90 1.65
N PRO B 102 0.76 -32.28 2.86
CA PRO B 102 -0.14 -31.41 3.64
C PRO B 102 0.55 -30.26 4.36
N SER B 103 1.87 -30.11 4.21
CA SER B 103 2.62 -29.10 4.94
C SER B 103 3.52 -28.33 3.99
N LEU B 104 3.92 -27.14 4.44
CA LEU B 104 4.87 -26.34 3.69
C LEU B 104 6.27 -26.94 3.80
N PRO B 105 7.09 -26.84 2.77
CA PRO B 105 8.44 -27.41 2.83
C PRO B 105 9.33 -26.66 3.81
N CYS B 106 10.45 -27.29 4.16
CA CYS B 106 11.46 -26.66 4.99
C CYS B 106 12.50 -26.00 4.09
N PRO B 107 12.45 -24.67 3.93
CA PRO B 107 13.39 -24.00 3.03
C PRO B 107 14.74 -23.82 3.70
N PRO B 108 15.82 -23.84 2.93
CA PRO B 108 17.15 -23.67 3.51
C PRO B 108 17.42 -22.21 3.89
N ILE B 109 18.51 -22.01 4.63
CA ILE B 109 18.98 -20.69 4.99
C ILE B 109 20.25 -20.43 4.20
N ILE B 110 20.19 -19.45 3.29
CA ILE B 110 21.30 -19.15 2.40
C ILE B 110 22.18 -18.08 3.04
N ASP B 111 23.46 -18.39 3.21
CA ASP B 111 24.42 -17.44 3.73
C ASP B 111 24.98 -16.62 2.58
N VAL B 112 24.86 -15.29 2.68
CA VAL B 112 25.38 -14.37 1.67
C VAL B 112 26.16 -13.28 2.38
N ASP B 113 27.33 -12.94 1.82
CA ASP B 113 28.14 -11.86 2.37
C ASP B 113 27.63 -10.52 1.87
N VAL B 114 27.44 -9.58 2.80
CA VAL B 114 27.02 -8.23 2.47
C VAL B 114 27.97 -7.25 3.14
N ALA B 115 28.23 -6.13 2.47
CA ALA B 115 29.10 -5.11 3.01
C ALA B 115 28.36 -4.24 4.01
N ALA B 116 29.03 -3.90 5.10
CA ALA B 116 28.42 -3.09 6.15
C ALA B 116 28.17 -1.67 5.65
N ASP B 117 27.22 -1.00 6.29
CA ASP B 117 26.93 0.39 5.95
C ASP B 117 28.09 1.29 6.35
N ASP B 118 28.35 2.30 5.53
CA ASP B 118 29.42 3.24 5.81
C ASP B 118 28.98 4.22 6.90
N ALA B 119 29.97 4.80 7.58
CA ALA B 119 29.69 5.77 8.62
C ALA B 119 29.14 7.06 8.01
N VAL B 120 28.31 7.75 8.79
CA VAL B 120 27.61 8.94 8.32
C VAL B 120 28.38 10.19 8.71
N ASP B 121 29.61 10.00 9.19
CA ASP B 121 30.42 11.14 9.61
C ASP B 121 30.74 12.06 8.43
N GLU B 122 31.11 11.49 7.29
CA GLU B 122 31.48 12.29 6.14
C GLU B 122 30.29 13.00 5.49
N THR B 123 29.06 12.71 5.93
CA THR B 123 27.89 13.40 5.41
C THR B 123 27.75 14.81 5.96
N GLU B 124 28.47 15.14 7.04
CA GLU B 124 28.35 16.47 7.64
C GLU B 124 28.81 17.56 6.68
N LYS B 125 29.77 17.27 5.81
CA LYS B 125 30.27 18.26 4.87
C LYS B 125 29.26 18.59 3.77
N LEU B 126 28.15 17.87 3.69
CA LEU B 126 27.18 18.05 2.60
C LEU B 126 26.08 19.01 3.00
N LEU B 127 25.66 19.84 2.05
CA LEU B 127 24.50 20.70 2.20
C LEU B 127 23.64 20.57 0.95
N PHE B 128 22.47 19.96 1.09
CA PHE B 128 21.58 19.73 -0.04
C PHE B 128 20.58 20.86 -0.17
N GLY B 129 20.28 21.22 -1.42
CA GLY B 129 19.33 22.28 -1.68
C GLY B 129 18.16 21.82 -2.53
N LEU B 130 16.95 22.17 -2.13
CA LEU B 130 15.74 21.77 -2.84
C LEU B 130 14.94 23.00 -3.21
N ALA B 131 14.33 22.95 -4.40
CA ALA B 131 13.39 23.97 -4.85
C ALA B 131 12.04 23.26 -5.03
N THR B 132 11.29 23.18 -3.94
CA THR B 132 10.01 22.47 -3.95
C THR B 132 9.09 23.10 -2.89
N THR B 133 8.01 22.42 -2.58
CA THR B 133 7.02 22.90 -1.62
C THR B 133 6.93 21.94 -0.44
N ALA B 134 6.30 22.42 0.63
CA ALA B 134 6.09 21.57 1.81
C ALA B 134 5.14 20.42 1.51
N ASP B 135 4.21 20.61 0.58
CA ASP B 135 3.29 19.54 0.21
C ASP B 135 4.02 18.41 -0.51
N ARG B 136 4.94 18.75 -1.42
CA ARG B 136 5.71 17.72 -2.10
C ARG B 136 6.69 17.03 -1.16
N LEU B 137 7.25 17.77 -0.21
CA LEU B 137 8.10 17.14 0.80
C LEU B 137 7.32 16.14 1.64
N ASP B 138 6.05 16.48 1.93
CA ASP B 138 5.22 15.58 2.73
C ASP B 138 4.85 14.33 1.96
N ARG B 139 4.58 14.46 0.66
CA ARG B 139 4.20 13.31 -0.14
C ARG B 139 5.38 12.36 -0.37
N LEU B 140 6.60 12.90 -0.42
CA LEU B 140 7.80 12.11 -0.66
C LEU B 140 8.61 11.88 0.59
N LEU B 141 7.99 12.04 1.77
CA LEU B 141 8.73 11.95 3.03
C LEU B 141 9.43 10.61 3.24
N PRO B 142 8.81 9.45 3.00
CA PRO B 142 9.53 8.19 3.23
C PRO B 142 10.80 8.06 2.40
N SER B 143 10.76 8.43 1.11
CA SER B 143 11.95 8.34 0.28
C SER B 143 13.01 9.35 0.71
N LEU B 144 12.58 10.55 1.11
CA LEU B 144 13.53 11.54 1.60
C LEU B 144 14.15 11.11 2.94
N LEU B 145 13.38 10.38 3.75
CA LEU B 145 13.90 9.90 5.03
C LEU B 145 15.01 8.86 4.82
N TYR B 146 14.82 7.96 3.86
CA TYR B 146 15.85 6.95 3.59
C TYR B 146 17.11 7.61 3.04
N SER B 147 16.96 8.62 2.19
CA SER B 147 18.12 9.25 1.57
C SER B 147 18.91 10.08 2.58
N TYR B 148 18.23 11.00 3.28
CA TYR B 148 18.90 11.99 4.10
C TYR B 148 18.66 11.84 5.60
N GLY B 149 17.61 11.14 6.01
CA GLY B 149 17.33 11.00 7.42
C GLY B 149 18.42 10.22 8.14
N ASN B 150 18.66 10.60 9.39
CA ASN B 150 19.66 9.97 10.25
C ASN B 150 21.06 10.07 9.66
N THR B 151 21.35 11.17 8.98
CA THR B 151 22.70 11.52 8.54
C THR B 151 23.02 12.92 9.05
N LYS B 152 24.26 13.35 8.83
CA LYS B 152 24.74 14.66 9.26
C LYS B 152 24.62 15.71 8.17
N ALA B 153 24.03 15.38 7.03
CA ALA B 153 23.93 16.32 5.92
C ALA B 153 22.82 17.32 6.17
N GLY B 154 23.05 18.56 5.71
CA GLY B 154 22.06 19.61 5.85
C GLY B 154 21.19 19.74 4.61
N ILE B 155 19.97 20.24 4.82
CA ILE B 155 19.01 20.43 3.74
C ILE B 155 18.38 21.81 3.90
N ILE B 156 18.46 22.62 2.83
CA ILE B 156 17.74 23.88 2.76
C ILE B 156 16.80 23.82 1.56
N VAL B 157 15.60 24.36 1.71
CA VAL B 157 14.57 24.29 0.69
C VAL B 157 14.02 25.69 0.44
N LEU B 158 14.04 26.11 -0.83
CA LEU B 158 13.40 27.35 -1.24
C LEU B 158 11.97 27.05 -1.66
N VAL B 159 11.02 27.52 -0.87
CA VAL B 159 9.59 27.26 -1.11
C VAL B 159 8.94 28.54 -1.62
N PRO B 160 7.80 28.46 -2.31
CA PRO B 160 7.14 29.68 -2.78
C PRO B 160 6.65 30.54 -1.63
N GLU B 161 6.40 31.81 -1.95
CA GLU B 161 5.87 32.73 -0.96
C GLU B 161 4.44 32.36 -0.60
N SER B 162 4.13 32.43 0.70
CA SER B 162 2.81 32.08 1.20
C SER B 162 2.70 32.58 2.63
N ASP B 163 1.55 32.33 3.25
CA ASP B 163 1.32 32.65 4.65
C ASP B 163 1.65 31.49 5.57
N ASP B 164 2.37 30.48 5.07
CA ASP B 164 2.64 29.28 5.84
C ASP B 164 3.54 29.58 7.03
N ASP B 165 3.27 28.90 8.15
CA ASP B 165 4.14 28.96 9.32
C ASP B 165 5.35 28.08 9.03
N LEU B 166 6.46 28.71 8.65
CA LEU B 166 7.66 27.95 8.30
C LEU B 166 8.18 27.16 9.49
N ASP B 167 8.14 27.75 10.69
CA ASP B 167 8.65 27.06 11.87
C ASP B 167 7.81 25.83 12.19
N LYS B 168 6.50 25.90 11.95
CA LYS B 168 5.63 24.74 12.19
C LYS B 168 5.94 23.62 11.21
N GLN B 169 6.10 23.95 9.93
CA GLN B 169 6.41 22.93 8.93
C GLN B 169 7.78 22.31 9.18
N MET B 170 8.75 23.12 9.59
CA MET B 170 10.07 22.59 9.94
C MET B 170 9.98 21.62 11.10
N THR B 171 9.21 21.97 12.13
CA THR B 171 9.02 21.05 13.26
C THR B 171 8.26 19.80 12.84
N TYR B 172 7.33 19.94 11.88
CA TYR B 172 6.58 18.77 11.39
C TYR B 172 7.51 17.75 10.76
N PHE B 173 8.48 18.20 9.97
CA PHE B 173 9.40 17.28 9.31
C PHE B 173 10.53 16.84 10.25
N ARG B 174 11.02 17.76 11.08
CA ARG B 174 12.15 17.44 11.96
C ARG B 174 11.76 16.38 12.98
N ASN B 175 10.55 16.47 13.55
CA ASN B 175 10.12 15.49 14.52
C ASN B 175 9.88 14.12 13.90
N ARG B 176 9.71 14.04 12.58
CA ARG B 176 9.55 12.77 11.90
C ARG B 176 10.87 12.18 11.43
N GLY B 177 11.97 12.91 11.56
CA GLY B 177 13.28 12.40 11.18
C GLY B 177 13.97 13.16 10.06
N LEU B 178 13.38 14.21 9.50
CA LEU B 178 13.95 14.94 8.37
C LEU B 178 14.18 16.38 8.81
N ASP B 179 15.44 16.71 9.15
CA ASP B 179 15.80 18.05 9.58
C ASP B 179 16.18 18.88 8.36
N LEU B 180 15.44 19.96 8.12
CA LEU B 180 15.69 20.83 6.99
C LEU B 180 15.28 22.26 7.34
N THR B 181 15.71 23.20 6.50
CA THR B 181 15.41 24.61 6.67
C THR B 181 14.58 25.07 5.48
N LEU B 182 13.39 25.60 5.75
CA LEU B 182 12.48 26.07 4.72
C LEU B 182 12.63 27.58 4.55
N ILE B 183 13.08 28.01 3.37
CA ILE B 183 13.27 29.42 3.03
C ILE B 183 12.20 29.81 2.03
N LYS B 184 11.52 30.93 2.28
CA LYS B 184 10.56 31.46 1.33
C LYS B 184 11.26 32.25 0.24
N SER B 185 10.81 32.08 -1.01
CA SER B 185 11.46 32.70 -2.15
C SER B 185 10.40 33.21 -3.12
N PRO B 186 10.56 34.44 -3.64
CA PRO B 186 9.62 34.94 -4.65
C PRO B 186 9.88 34.43 -6.06
N LEU B 187 11.03 33.80 -6.30
CA LEU B 187 11.37 33.31 -7.63
C LEU B 187 10.46 32.15 -8.02
N ASP B 188 10.36 31.93 -9.33
CA ASP B 188 9.62 30.80 -9.85
C ASP B 188 10.45 29.52 -9.69
N PHE B 189 9.86 28.38 -10.07
CA PHE B 189 10.51 27.10 -9.83
C PHE B 189 11.88 27.03 -10.49
N THR B 190 11.94 27.31 -11.79
CA THR B 190 13.22 27.24 -12.50
C THR B 190 14.23 28.22 -11.94
N ALA B 191 13.77 29.39 -11.49
CA ALA B 191 14.67 30.36 -10.88
C ALA B 191 15.03 29.98 -9.45
N ARG B 192 14.14 29.28 -8.74
CA ARG B 192 14.46 28.83 -7.39
CA ARG B 192 14.46 28.83 -7.39
C ARG B 192 15.59 27.81 -7.38
N TYR B 193 15.68 27.00 -8.44
CA TYR B 193 16.75 26.00 -8.51
C TYR B 193 18.11 26.66 -8.57
N PHE B 194 18.30 27.59 -9.51
CA PHE B 194 19.55 28.34 -9.57
C PHE B 194 19.65 29.37 -8.45
N GLY B 195 18.52 29.81 -7.91
CA GLY B 195 18.53 30.66 -6.73
C GLY B 195 19.13 30.01 -5.50
N LEU B 196 19.30 28.68 -5.53
CA LEU B 196 19.97 27.99 -4.43
C LEU B 196 21.42 28.42 -4.28
N VAL B 197 22.03 28.96 -5.35
CA VAL B 197 23.40 29.47 -5.26
C VAL B 197 23.50 30.55 -4.21
N GLN B 198 22.56 31.49 -4.21
CA GLN B 198 22.53 32.52 -3.18
C GLN B 198 22.10 31.95 -1.84
N ALA B 199 21.14 31.02 -1.86
CA ALA B 199 20.67 30.42 -0.61
C ALA B 199 21.76 29.57 0.04
N PHE B 200 22.57 28.88 -0.78
CA PHE B 200 23.68 28.11 -0.25
C PHE B 200 24.69 29.01 0.42
N ALA B 201 25.13 30.06 -0.28
CA ALA B 201 26.20 30.92 0.24
C ALA B 201 25.79 31.60 1.53
N GLU B 202 24.55 32.09 1.61
CA GLU B 202 24.11 32.77 2.83
C GLU B 202 23.97 31.78 3.98
N HIS B 203 23.46 30.57 3.71
CA HIS B 203 23.28 29.59 4.77
C HIS B 203 24.63 29.09 5.29
N ILE B 204 25.60 28.90 4.40
CA ILE B 204 26.92 28.44 4.82
C ILE B 204 27.62 29.52 5.63
N ARG B 205 27.52 30.78 5.20
CA ARG B 205 28.24 31.86 5.87
C ARG B 205 27.69 32.13 7.26
N THR B 206 26.41 31.82 7.49
CA THR B 206 25.76 32.21 8.73
C THR B 206 25.30 31.04 9.61
N LYS B 207 25.04 29.87 9.02
CA LYS B 207 24.48 28.77 9.82
C LYS B 207 25.29 27.48 9.70
N ARG B 208 25.99 27.28 8.58
CA ARG B 208 26.68 26.02 8.31
C ARG B 208 28.05 26.30 7.72
N PRO B 209 29.00 26.80 8.52
CA PRO B 209 30.35 27.07 8.01
C PRO B 209 31.15 25.82 7.70
N GLN B 210 30.84 24.69 8.36
CA GLN B 210 31.56 23.45 8.10
C GLN B 210 31.21 22.84 6.75
N THR B 211 30.22 23.38 6.05
CA THR B 211 29.83 22.86 4.74
C THR B 211 30.95 23.11 3.74
N THR B 212 31.41 22.04 3.08
CA THR B 212 32.38 22.16 2.03
C THR B 212 31.93 21.52 0.72
N TRP B 213 30.83 20.76 0.73
CA TRP B 213 30.22 20.23 -0.47
C TRP B 213 28.77 20.68 -0.52
N VAL B 214 28.37 21.28 -1.64
CA VAL B 214 27.01 21.73 -1.87
C VAL B 214 26.41 20.87 -2.97
N SER B 215 25.12 20.56 -2.85
CA SER B 215 24.49 19.60 -3.75
C SER B 215 23.13 20.10 -4.19
N PHE B 216 22.91 20.11 -5.51
CA PHE B 216 21.61 20.40 -6.08
C PHE B 216 20.87 19.09 -6.33
N ILE B 217 19.62 19.02 -5.86
CA ILE B 217 18.85 17.78 -5.93
C ILE B 217 17.40 18.09 -6.26
N ASP B 218 16.73 17.11 -6.84
CA ASP B 218 15.28 17.11 -6.95
C ASP B 218 14.69 16.39 -5.75
N ASP B 219 13.38 16.62 -5.51
CA ASP B 219 12.74 15.95 -4.39
C ASP B 219 12.54 14.46 -4.64
N ASP B 220 12.65 14.01 -5.90
CA ASP B 220 12.63 12.60 -6.23
C ASP B 220 14.03 12.05 -6.51
N THR B 221 15.08 12.78 -6.15
CA THR B 221 16.44 12.25 -6.22
C THR B 221 16.64 11.32 -5.04
N PHE B 222 16.81 10.03 -5.32
CA PHE B 222 16.81 8.98 -4.31
C PHE B 222 18.22 8.43 -4.18
N TRP B 223 18.76 8.45 -2.96
CA TRP B 223 20.13 8.00 -2.70
C TRP B 223 20.08 6.62 -2.04
N LEU B 224 20.68 5.63 -2.70
CA LEU B 224 20.70 4.28 -2.17
C LEU B 224 21.63 4.14 -0.97
N SER B 225 22.76 4.86 -0.98
CA SER B 225 23.67 4.87 0.16
C SER B 225 24.41 6.19 0.25
N LEU B 226 23.77 7.21 0.79
CA LEU B 226 24.39 8.53 0.92
C LEU B 226 25.72 8.51 1.68
N PRO B 227 25.89 7.78 2.78
CA PRO B 227 27.22 7.75 3.42
C PRO B 227 28.32 7.27 2.51
N THR B 228 28.04 6.30 1.63
CA THR B 228 29.05 5.84 0.68
C THR B 228 29.41 6.94 -0.31
N VAL B 229 28.42 7.74 -0.74
CA VAL B 229 28.71 8.85 -1.64
C VAL B 229 29.55 9.90 -0.94
N ALA B 230 29.24 10.18 0.34
CA ALA B 230 30.04 11.13 1.09
C ALA B 230 31.48 10.65 1.24
N GLU B 231 31.67 9.34 1.42
CA GLU B 231 33.02 8.79 1.51
C GLU B 231 33.76 8.95 0.19
N GLU B 232 33.09 8.63 -0.92
CA GLU B 232 33.74 8.72 -2.22
C GLU B 232 34.08 10.17 -2.59
N LEU B 233 33.37 11.13 -2.02
CA LEU B 233 33.68 12.53 -2.26
C LEU B 233 35.00 12.96 -1.62
N LYS B 234 35.57 12.13 -0.74
CA LYS B 234 36.87 12.44 -0.16
C LYS B 234 38.00 12.29 -1.17
N LEU B 235 37.78 11.57 -2.28
CA LEU B 235 38.79 11.38 -3.30
C LEU B 235 39.09 12.66 -4.09
N PHE B 236 38.37 13.74 -3.84
CA PHE B 236 38.57 15.00 -4.54
C PHE B 236 39.19 16.02 -3.59
N ASP B 237 40.15 16.78 -4.10
CA ASP B 237 40.74 17.85 -3.32
C ASP B 237 39.66 18.86 -2.95
N VAL B 238 39.43 19.04 -1.65
CA VAL B 238 38.30 19.82 -1.19
C VAL B 238 38.52 21.33 -1.35
N ASN B 239 39.76 21.74 -1.61
CA ASN B 239 40.07 23.15 -1.83
C ASN B 239 40.05 23.55 -3.29
N LYS B 240 39.74 22.62 -4.19
CA LYS B 240 39.68 22.89 -5.62
C LYS B 240 38.23 22.92 -6.08
N LYS B 241 37.99 23.63 -7.18
CA LYS B 241 36.65 23.70 -7.75
C LYS B 241 36.28 22.36 -8.37
N HIS B 242 35.09 21.87 -8.06
CA HIS B 242 34.63 20.58 -8.57
C HIS B 242 33.16 20.67 -8.95
N TYR B 243 32.83 20.12 -10.12
CA TYR B 243 31.48 20.10 -10.66
C TYR B 243 31.18 18.66 -11.03
N ILE B 244 30.50 17.93 -10.13
CA ILE B 244 30.29 16.50 -10.26
C ILE B 244 28.83 16.24 -10.61
N GLY B 245 28.60 15.40 -11.61
CA GLY B 245 27.25 15.06 -12.00
C GLY B 245 27.25 13.91 -12.96
N ALA B 246 26.14 13.77 -13.68
CA ALA B 246 25.96 12.68 -14.63
C ALA B 246 25.16 13.17 -15.83
N LEU B 247 25.45 12.57 -16.99
CA LEU B 247 24.68 12.83 -18.19
C LEU B 247 23.44 11.96 -18.23
N SER B 248 22.43 12.45 -18.95
CA SER B 248 21.24 11.64 -19.17
C SER B 248 21.58 10.39 -19.97
N GLU B 249 20.84 9.32 -19.70
CA GLU B 249 21.06 8.06 -20.42
C GLU B 249 20.64 8.18 -21.88
N ALA B 250 19.66 9.03 -22.17
CA ALA B 250 19.22 9.25 -23.55
C ALA B 250 20.16 10.25 -24.22
N SER B 251 20.79 9.82 -25.32
CA SER B 251 21.74 10.68 -26.01
C SER B 251 21.06 11.94 -26.55
N TRP B 252 19.79 11.85 -26.93
CA TRP B 252 19.11 13.01 -27.49
C TRP B 252 18.85 14.07 -26.44
N GLN B 253 18.74 13.69 -25.17
CA GLN B 253 18.62 14.68 -24.10
C GLN B 253 19.92 15.44 -23.92
N VAL B 254 21.06 14.76 -24.11
CA VAL B 254 22.34 15.44 -24.06
C VAL B 254 22.52 16.33 -25.29
N ASP B 255 22.11 15.84 -26.46
CA ASP B 255 22.18 16.65 -27.66
C ASP B 255 21.28 17.88 -27.56
N THR B 256 20.23 17.81 -26.74
CA THR B 256 19.29 18.91 -26.63
C THR B 256 19.76 19.95 -25.62
N PHE B 257 20.21 19.50 -24.46
CA PHE B 257 20.54 20.42 -23.36
C PHE B 257 22.02 20.52 -23.07
N GLY B 258 22.86 19.72 -23.73
CA GLY B 258 24.31 19.85 -23.59
C GLY B 258 24.88 18.84 -22.60
N HIS B 259 26.21 18.90 -22.49
CA HIS B 259 26.94 18.02 -21.57
C HIS B 259 26.97 18.68 -20.19
N ILE B 260 25.83 18.58 -19.50
CA ILE B 260 25.64 19.19 -18.20
C ILE B 260 25.44 18.08 -17.17
N ALA B 261 25.47 18.46 -15.90
CA ALA B 261 25.09 17.58 -14.82
C ALA B 261 23.57 17.63 -14.69
N PHE B 262 22.89 16.58 -15.14
CA PHE B 262 21.44 16.56 -15.12
C PHE B 262 20.94 16.51 -13.68
N GLY B 263 20.00 17.39 -13.35
CA GLY B 263 19.68 17.65 -11.96
C GLY B 263 19.07 16.46 -11.24
N GLY B 264 18.21 15.71 -11.93
CA GLY B 264 17.51 14.61 -11.29
C GLY B 264 18.44 13.56 -10.70
N ALA B 265 19.60 13.36 -11.31
CA ALA B 265 20.56 12.38 -10.81
C ALA B 265 21.38 12.91 -9.63
N GLY B 266 21.26 14.19 -9.30
CA GLY B 266 22.06 14.77 -8.22
C GLY B 266 23.32 15.42 -8.72
N VAL B 267 23.57 16.66 -8.29
CA VAL B 267 24.73 17.43 -8.69
C VAL B 267 25.53 17.79 -7.44
N PHE B 268 26.85 17.71 -7.55
CA PHE B 268 27.74 18.07 -6.45
C PHE B 268 28.66 19.21 -6.88
N VAL B 269 28.67 20.28 -6.08
CA VAL B 269 29.50 21.46 -6.36
C VAL B 269 30.31 21.76 -5.11
N SER B 270 31.63 21.77 -5.25
CA SER B 270 32.50 22.07 -4.13
C SER B 270 32.39 23.54 -3.73
N LYS B 271 32.76 23.82 -2.49
CA LYS B 271 32.68 25.19 -1.98
C LYS B 271 33.46 26.21 -2.81
N PRO B 272 34.69 25.95 -3.26
CA PRO B 272 35.35 26.96 -4.11
C PRO B 272 34.60 27.27 -5.38
N LEU B 273 33.90 26.30 -5.97
CA LEU B 273 33.10 26.59 -7.16
C LEU B 273 31.85 27.37 -6.81
N LEU B 274 31.26 27.11 -5.66
CA LEU B 274 30.08 27.87 -5.24
C LEU B 274 30.41 29.34 -5.04
N ASP B 275 31.61 29.63 -4.53
CA ASP B 275 32.03 31.02 -4.37
C ASP B 275 32.09 31.74 -5.72
N VAL B 276 32.57 31.04 -6.75
CA VAL B 276 32.60 31.64 -8.09
C VAL B 276 31.18 31.80 -8.62
N LEU B 277 30.31 30.81 -8.37
CA LEU B 277 28.92 30.91 -8.81
C LEU B 277 28.19 32.05 -8.13
N GLU B 278 28.53 32.35 -6.87
CA GLU B 278 27.93 33.48 -6.18
C GLU B 278 28.46 34.81 -6.74
N GLN B 279 29.74 34.85 -7.10
CA GLN B 279 30.31 36.07 -7.66
C GLN B 279 29.65 36.45 -8.97
N TYR B 280 29.16 35.47 -9.73
CA TYR B 280 28.53 35.72 -11.02
C TYR B 280 27.06 35.29 -11.03
N TYR B 281 26.40 35.27 -9.86
CA TYR B 281 25.01 34.87 -9.81
C TYR B 281 24.13 35.81 -10.62
N ASP B 282 24.32 37.12 -10.45
CA ASP B 282 23.52 38.09 -11.19
C ASP B 282 23.81 38.01 -12.69
N GLU B 283 25.05 37.71 -13.06
CA GLU B 283 25.39 37.60 -14.48
C GLU B 283 24.84 36.31 -15.11
N CYS B 284 24.49 35.32 -14.29
CA CYS B 284 24.00 34.04 -14.77
C CYS B 284 22.50 33.87 -14.60
N GLN B 285 21.96 34.29 -13.46
CA GLN B 285 20.55 34.04 -13.15
C GLN B 285 19.64 34.78 -14.12
N SER B 286 18.89 34.04 -14.91
CA SER B 286 17.85 34.61 -15.75
C SER B 286 16.52 34.55 -15.00
N TRP B 287 15.42 34.76 -15.72
CA TRP B 287 14.12 34.92 -15.09
C TRP B 287 13.00 34.30 -15.91
N GLY B 288 13.33 33.39 -16.81
CA GLY B 288 12.33 32.70 -17.61
C GLY B 288 12.10 31.27 -17.17
N GLU B 289 12.15 30.33 -18.11
CA GLU B 289 11.86 28.93 -17.84
C GLU B 289 13.00 28.02 -18.29
N GLN B 290 14.22 28.55 -18.34
CA GLN B 290 15.37 27.71 -18.67
C GLN B 290 15.59 26.71 -17.54
N PRO B 291 15.83 25.43 -17.84
CA PRO B 291 16.08 24.45 -16.77
C PRO B 291 17.26 24.87 -15.90
N GLY B 292 17.05 24.80 -14.58
CA GLY B 292 18.06 25.28 -13.64
C GLY B 292 19.36 24.51 -13.68
N ASP B 293 19.28 23.20 -13.95
CA ASP B 293 20.51 22.40 -14.02
C ASP B 293 21.34 22.77 -15.24
N GLN B 294 20.68 23.02 -16.39
CA GLN B 294 21.41 23.50 -17.56
C GLN B 294 21.95 24.90 -17.32
N LYS B 295 21.19 25.73 -16.60
CA LYS B 295 21.67 27.06 -16.24
C LYS B 295 22.87 26.97 -15.31
N LEU B 296 22.86 26.02 -14.39
CA LEU B 296 24.01 25.83 -13.50
C LEU B 296 25.23 25.36 -14.28
N GLY B 297 25.04 24.44 -15.23
CA GLY B 297 26.16 23.97 -16.03
C GLY B 297 26.69 25.03 -16.97
N GLN B 298 25.80 25.83 -17.56
CA GLN B 298 26.24 26.89 -18.46
C GLN B 298 26.94 28.02 -17.70
N CYS B 299 26.51 28.29 -16.47
CA CYS B 299 27.20 29.29 -15.66
C CYS B 299 28.60 28.82 -15.28
N ILE B 300 28.73 27.54 -14.92
CA ILE B 300 30.06 26.99 -14.62
C ILE B 300 30.93 27.00 -15.87
N GLN B 301 30.33 26.73 -17.02
CA GLN B 301 31.09 26.74 -18.28
C GLN B 301 31.59 28.14 -18.61
N LYS B 302 30.80 29.17 -18.29
CA LYS B 302 31.16 30.52 -18.68
C LYS B 302 32.12 31.18 -17.68
N TYR B 303 31.92 30.94 -16.38
CA TYR B 303 32.69 31.62 -15.35
C TYR B 303 33.41 30.69 -14.38
N GLY B 304 33.09 29.39 -14.36
CA GLY B 304 33.63 28.52 -13.33
C GLY B 304 35.01 27.99 -13.60
N ASP B 305 35.38 27.85 -14.87
CA ASP B 305 36.67 27.25 -15.27
C ASP B 305 36.84 25.87 -14.64
N THR B 306 35.75 25.12 -14.59
CA THR B 306 35.74 23.80 -13.96
C THR B 306 35.04 22.81 -14.87
N PRO B 307 35.73 21.80 -15.39
CA PRO B 307 35.06 20.79 -16.21
C PRO B 307 34.11 19.96 -15.38
N LEU B 308 33.21 19.27 -16.08
CA LEU B 308 32.19 18.43 -15.45
C LEU B 308 32.78 17.05 -15.17
N THR B 309 32.84 16.67 -13.90
CA THR B 309 33.27 15.35 -13.50
C THR B 309 32.09 14.40 -13.54
N LEU B 310 32.14 13.41 -14.43
CA LEU B 310 31.02 12.51 -14.66
C LEU B 310 31.05 11.36 -13.67
N TRP B 311 29.93 11.13 -13.00
CA TRP B 311 29.75 9.96 -12.15
C TRP B 311 28.71 9.05 -12.77
N PRO B 312 29.10 7.95 -13.42
CA PRO B 312 28.10 7.09 -14.08
C PRO B 312 27.16 6.39 -13.10
N SER B 313 27.50 6.36 -11.81
CA SER B 313 26.64 5.70 -10.83
C SER B 313 25.38 6.50 -10.53
N LEU B 314 25.36 7.79 -10.88
CA LEU B 314 24.17 8.61 -10.73
C LEU B 314 23.34 8.52 -12.00
N TYR B 315 22.06 8.18 -11.85
CA TYR B 315 21.20 7.89 -12.99
C TYR B 315 20.04 8.87 -13.01
N GLN B 316 19.98 9.69 -14.07
CA GLN B 316 18.89 10.63 -14.24
C GLN B 316 17.57 9.92 -14.53
N MET B 317 17.63 8.73 -15.14
CA MET B 317 16.46 7.93 -15.46
C MET B 317 15.53 8.67 -16.43
N ASP B 318 16.09 9.03 -17.58
CA ASP B 318 15.33 9.71 -18.64
C ASP B 318 14.70 8.67 -19.57
N MET B 319 13.86 7.83 -18.99
CA MET B 319 13.19 6.76 -19.72
C MET B 319 11.79 6.56 -19.16
N LYS B 320 10.96 5.87 -19.94
CA LYS B 320 9.58 5.59 -19.56
C LYS B 320 9.30 4.10 -19.78
N GLY B 321 8.26 3.62 -19.11
CA GLY B 321 7.85 2.23 -19.24
C GLY B 321 8.50 1.31 -18.24
N GLU B 322 8.81 0.09 -18.66
CA GLU B 322 9.41 -0.91 -17.77
C GLU B 322 10.90 -0.60 -17.62
N VAL B 323 11.31 -0.24 -16.41
CA VAL B 323 12.70 0.10 -16.12
C VAL B 323 13.44 -1.08 -15.50
N ASP B 324 12.98 -2.31 -15.75
CA ASP B 324 13.61 -3.47 -15.14
C ASP B 324 15.06 -3.63 -15.56
N GLY B 325 15.39 -3.25 -16.79
CA GLY B 325 16.74 -3.46 -17.28
C GLY B 325 17.79 -2.71 -16.48
N VAL B 326 17.50 -1.46 -16.13
CA VAL B 326 18.47 -0.68 -15.37
C VAL B 326 18.55 -1.16 -13.93
N TYR B 327 17.39 -1.46 -13.32
CA TYR B 327 17.39 -1.89 -11.92
C TYR B 327 17.99 -3.28 -11.76
N GLU B 328 17.82 -4.15 -12.75
CA GLU B 328 18.37 -5.50 -12.71
C GLU B 328 19.70 -5.61 -13.45
N SER B 329 20.37 -4.48 -13.69
CA SER B 329 21.60 -4.49 -14.46
C SER B 329 22.82 -4.93 -13.67
N GLY B 330 22.76 -4.86 -12.34
CA GLY B 330 23.94 -5.11 -11.54
C GLY B 330 24.96 -3.99 -11.57
N ARG B 331 24.64 -2.88 -12.23
CA ARG B 331 25.53 -1.73 -12.26
C ARG B 331 25.55 -1.03 -10.91
N LYS B 332 26.63 -0.28 -10.68
CA LYS B 332 26.75 0.51 -9.45
C LYS B 332 25.72 1.64 -9.50
N ILE B 333 24.66 1.51 -8.72
CA ILE B 333 23.58 2.49 -8.69
C ILE B 333 23.62 3.18 -7.34
N GLU B 334 23.89 4.49 -7.35
CA GLU B 334 23.93 5.29 -6.14
C GLU B 334 22.83 6.32 -6.04
N SER B 335 22.31 6.79 -7.17
CA SER B 335 21.19 7.73 -7.18
C SER B 335 20.18 7.27 -8.22
N LEU B 336 18.89 7.43 -7.89
CA LEU B 336 17.81 7.09 -8.80
C LEU B 336 16.86 8.28 -8.89
N HIS B 337 16.05 8.29 -9.94
CA HIS B 337 15.24 9.46 -10.26
C HIS B 337 14.05 9.02 -11.10
N HIS B 338 13.08 9.92 -11.23
CA HIS B 338 11.91 9.78 -12.10
C HIS B 338 11.00 8.61 -11.69
N TRP B 339 11.22 8.03 -10.51
CA TRP B 339 10.47 6.85 -10.10
C TRP B 339 9.05 7.17 -9.64
N ASN B 340 8.65 8.44 -9.65
CA ASN B 340 7.30 8.84 -9.24
C ASN B 340 6.68 9.77 -10.27
N SER B 341 7.10 9.69 -11.53
CA SER B 341 6.58 10.55 -12.57
C SER B 341 6.71 9.92 -13.95
N TRP B 342 7.93 9.89 -14.49
CA TRP B 342 8.14 9.30 -15.81
C TRP B 342 7.81 7.80 -15.79
N TYR B 343 8.23 7.10 -14.75
CA TYR B 343 7.83 5.72 -14.50
C TYR B 343 7.41 5.59 -13.05
N THR B 344 6.98 4.40 -12.66
CA THR B 344 6.46 4.15 -11.32
C THR B 344 7.22 2.98 -10.71
N LYS B 345 7.91 3.24 -9.61
CA LYS B 345 8.63 2.19 -8.88
C LYS B 345 8.74 2.60 -7.42
N ASP B 346 8.16 1.80 -6.54
CA ASP B 346 8.19 2.07 -5.10
C ASP B 346 9.61 1.81 -4.59
N VAL B 347 10.47 2.81 -4.72
CA VAL B 347 11.86 2.69 -4.27
C VAL B 347 11.94 2.54 -2.76
N VAL B 348 10.93 2.99 -2.02
CA VAL B 348 10.91 2.80 -0.58
C VAL B 348 10.74 1.32 -0.24
N LYS B 349 9.80 0.66 -0.91
CA LYS B 349 9.64 -0.78 -0.72
CA LYS B 349 9.64 -0.78 -0.72
C LYS B 349 10.87 -1.54 -1.20
N MET B 350 11.57 -1.01 -2.21
CA MET B 350 12.74 -1.67 -2.75
C MET B 350 13.89 -1.69 -1.73
N THR B 351 14.06 -0.62 -0.97
CA THR B 351 15.14 -0.50 -0.02
C THR B 351 14.81 -1.08 1.34
N THR B 352 13.65 -1.73 1.49
CA THR B 352 13.24 -2.27 2.79
C THR B 352 14.23 -3.31 3.29
N VAL B 353 14.80 -4.11 2.37
CA VAL B 353 15.75 -5.15 2.74
C VAL B 353 17.01 -4.56 3.37
N ALA B 354 17.27 -3.27 3.16
CA ALA B 354 18.48 -2.66 3.71
C ALA B 354 18.46 -2.63 5.24
N ALA B 355 17.29 -2.75 5.87
CA ALA B 355 17.24 -2.81 7.32
C ALA B 355 17.86 -4.08 7.88
N ALA B 356 17.99 -5.12 7.07
CA ALA B 356 18.56 -6.39 7.51
C ALA B 356 19.87 -6.76 6.81
N ALA B 357 20.04 -6.36 5.54
CA ALA B 357 21.23 -6.72 4.77
C ALA B 357 22.07 -5.52 4.39
N GLY B 358 21.79 -4.34 4.92
CA GLY B 358 22.56 -3.16 4.64
C GLY B 358 22.10 -2.42 3.39
N ARG B 359 22.47 -1.14 3.33
CA ARG B 359 22.09 -0.30 2.20
C ARG B 359 22.68 -0.82 0.90
N LYS B 360 23.91 -1.36 0.94
CA LYS B 360 24.60 -1.81 -0.25
C LYS B 360 24.06 -3.12 -0.80
N SER B 361 23.12 -3.77 -0.12
CA SER B 361 22.53 -4.99 -0.63
C SER B 361 21.39 -4.73 -1.61
N VAL B 362 20.85 -3.51 -1.63
CA VAL B 362 19.73 -3.20 -2.51
C VAL B 362 20.19 -3.27 -3.96
N LEU B 363 19.44 -4.00 -4.78
CA LEU B 363 19.67 -4.22 -6.21
C LEU B 363 20.88 -5.11 -6.48
N ARG B 364 21.47 -5.72 -5.46
CA ARG B 364 22.50 -6.71 -5.69
C ARG B 364 21.87 -7.98 -6.27
N ARG B 365 22.63 -8.67 -7.12
CA ARG B 365 22.11 -9.78 -7.90
C ARG B 365 22.73 -11.10 -7.45
N TRP B 366 21.91 -12.14 -7.36
CA TRP B 366 22.34 -13.49 -7.05
C TRP B 366 21.67 -14.44 -8.04
N VAL B 367 22.46 -15.31 -8.65
CA VAL B 367 21.95 -16.34 -9.55
C VAL B 367 22.01 -17.68 -8.82
N PHE B 368 20.97 -18.49 -8.99
CA PHE B 368 20.89 -19.74 -8.25
C PHE B 368 19.92 -20.68 -8.97
N ASP B 369 19.88 -21.93 -8.46
CA ASP B 369 18.92 -22.95 -8.91
C ASP B 369 19.07 -23.22 -10.41
N GLN B 370 20.28 -23.56 -10.82
CA GLN B 370 20.55 -23.95 -12.20
C GLN B 370 20.05 -25.38 -12.40
N GLU B 371 19.02 -25.54 -13.23
CA GLU B 371 18.44 -26.85 -13.50
C GLU B 371 18.56 -27.16 -14.98
N GLU B 372 18.65 -28.45 -15.29
CA GLU B 372 18.82 -28.92 -16.67
C GLU B 372 17.86 -30.07 -16.92
N TYR B 373 17.14 -30.00 -18.03
CA TYR B 373 16.17 -31.02 -18.43
C TYR B 373 16.57 -31.52 -19.82
N VAL B 374 17.33 -32.61 -19.85
CA VAL B 374 17.86 -33.13 -21.10
C VAL B 374 16.87 -34.11 -21.72
N ASN B 375 17.02 -34.34 -23.03
CA ASN B 375 16.27 -35.36 -23.75
C ASN B 375 17.24 -36.49 -24.06
N ASN B 376 16.98 -37.67 -23.46
CA ASN B 376 17.88 -38.79 -23.59
C ASN B 376 17.99 -39.33 -25.01
N SER B 377 17.16 -38.84 -25.94
CA SER B 377 17.24 -39.28 -27.33
C SER B 377 18.17 -38.39 -28.15
N THR B 378 17.95 -37.06 -28.11
CA THR B 378 18.76 -36.13 -28.89
C THR B 378 19.93 -35.56 -28.13
N GLY B 379 19.94 -35.63 -26.80
CA GLY B 379 21.00 -35.09 -26.00
C GLY B 379 20.91 -33.61 -25.70
N LYS B 380 20.08 -32.86 -26.45
CA LYS B 380 19.90 -31.46 -26.17
C LYS B 380 19.13 -31.27 -24.86
N SER B 381 19.27 -30.08 -24.28
CA SER B 381 18.73 -29.82 -22.96
C SER B 381 18.07 -28.44 -22.91
N VAL B 382 17.03 -28.34 -22.09
CA VAL B 382 16.41 -27.07 -21.75
C VAL B 382 16.88 -26.71 -20.34
N ARG B 383 17.52 -25.55 -20.20
CA ARG B 383 18.13 -25.14 -18.95
C ARG B 383 17.37 -23.96 -18.34
N THR B 384 17.25 -23.96 -17.01
CA THR B 384 16.60 -22.89 -16.29
C THR B 384 17.47 -22.43 -15.13
N PHE B 385 17.30 -21.17 -14.74
CA PHE B 385 17.99 -20.61 -13.59
C PHE B 385 17.28 -19.34 -13.16
N TRP B 386 17.52 -18.96 -11.91
CA TRP B 386 16.88 -17.79 -11.31
C TRP B 386 17.91 -16.70 -11.09
N VAL B 387 17.49 -15.44 -11.26
CA VAL B 387 18.31 -14.27 -10.99
C VAL B 387 17.51 -13.37 -10.05
N MET B 388 18.01 -13.19 -8.84
CA MET B 388 17.36 -12.35 -7.83
C MET B 388 18.02 -10.98 -7.81
N THR B 389 17.27 -9.96 -8.22
CA THR B 389 17.67 -8.57 -7.99
C THR B 389 17.07 -8.15 -6.65
N ASN B 390 17.92 -8.03 -5.64
CA ASN B 390 17.45 -7.85 -4.26
C ASN B 390 16.59 -6.60 -4.14
N GLY B 391 15.35 -6.79 -3.71
CA GLY B 391 14.43 -5.69 -3.55
C GLY B 391 13.73 -5.26 -4.82
N TYR B 392 13.94 -5.96 -5.94
CA TYR B 392 13.29 -5.56 -7.18
C TYR B 392 12.49 -6.69 -7.81
N SER B 393 13.15 -7.80 -8.14
CA SER B 393 12.48 -8.81 -8.94
C SER B 393 13.16 -10.16 -8.80
N LEU B 394 12.37 -11.22 -9.04
N LEU B 394 12.37 -11.21 -9.04
CA LEU B 394 12.87 -12.59 -9.15
CA LEU B 394 12.86 -12.58 -9.16
C LEU B 394 12.50 -13.07 -10.55
C LEU B 394 12.50 -13.07 -10.55
N VAL B 395 13.51 -13.28 -11.39
CA VAL B 395 13.31 -13.68 -12.78
C VAL B 395 13.81 -15.11 -12.96
N LYS B 396 12.94 -15.96 -13.52
CA LYS B 396 13.30 -17.33 -13.89
C LYS B 396 13.54 -17.36 -15.40
N TYR B 397 14.79 -17.60 -15.79
CA TYR B 397 15.16 -17.67 -17.19
C TYR B 397 15.09 -19.10 -17.68
N THR B 398 14.58 -19.29 -18.90
CA THR B 398 14.49 -20.61 -19.53
C THR B 398 15.13 -20.53 -20.90
N TYR B 399 16.19 -21.31 -21.09
CA TYR B 399 16.89 -21.39 -22.37
C TYR B 399 16.41 -22.63 -23.11
N ASP B 400 16.00 -22.45 -24.36
CA ASP B 400 15.48 -23.59 -25.12
C ASP B 400 16.64 -24.45 -25.62
N GLU B 401 16.30 -25.55 -26.30
CA GLU B 401 17.29 -26.54 -26.72
C GLU B 401 18.35 -25.96 -27.64
N ASN B 402 18.04 -24.86 -28.33
CA ASN B 402 18.97 -24.23 -29.26
C ASN B 402 19.52 -22.91 -28.73
N THR B 403 19.35 -22.63 -27.45
CA THR B 403 19.88 -21.41 -26.84
C THR B 403 21.11 -21.75 -26.02
N PRO B 404 22.27 -21.15 -26.29
CA PRO B 404 23.47 -21.49 -25.53
C PRO B 404 23.43 -20.91 -24.13
N ASP B 405 24.37 -21.35 -23.30
CA ASP B 405 24.43 -20.88 -21.92
C ASP B 405 24.93 -19.45 -21.83
N ASP B 406 25.75 -19.01 -22.79
CA ASP B 406 26.24 -17.65 -22.85
C ASP B 406 25.33 -16.71 -23.62
N ALA B 407 24.05 -17.09 -23.80
CA ALA B 407 23.14 -16.29 -24.60
C ALA B 407 22.83 -14.93 -23.98
N ILE B 408 23.04 -14.78 -22.68
CA ILE B 408 22.80 -13.52 -21.99
C ILE B 408 24.07 -13.12 -21.26
N ASN B 409 24.58 -11.94 -21.58
CA ASN B 409 25.66 -11.32 -20.82
C ASN B 409 24.98 -10.42 -19.78
N PHE B 410 24.94 -10.89 -18.53
CA PHE B 410 24.22 -10.16 -17.50
C PHE B 410 24.91 -8.87 -17.08
N ASP B 411 26.08 -8.57 -17.63
CA ASP B 411 26.67 -7.25 -17.50
C ASP B 411 26.23 -6.31 -18.61
N HIS B 412 25.42 -6.79 -19.56
CA HIS B 412 24.83 -5.96 -20.60
C HIS B 412 23.41 -5.59 -20.17
N THR B 413 23.10 -4.29 -20.23
CA THR B 413 21.82 -3.80 -19.73
C THR B 413 20.69 -4.19 -20.68
N GLU B 414 19.72 -4.93 -20.15
CA GLU B 414 18.55 -5.30 -20.95
C GLU B 414 17.71 -4.07 -21.24
N LYS B 415 17.40 -3.84 -22.51
CA LYS B 415 16.62 -2.68 -22.92
C LYS B 415 15.14 -3.02 -22.76
N THR B 416 14.53 -2.53 -21.68
CA THR B 416 13.14 -2.82 -21.36
C THR B 416 12.23 -1.61 -21.46
N TRP B 417 12.77 -0.39 -21.50
CA TRP B 417 11.96 0.80 -21.49
C TRP B 417 11.40 1.08 -22.89
N GLU B 418 10.68 2.19 -23.02
CA GLU B 418 9.86 2.43 -24.21
C GLU B 418 10.66 3.03 -25.37
N GLU B 419 11.56 3.97 -25.08
CA GLU B 419 12.18 4.79 -26.11
C GLU B 419 13.10 3.96 -27.01
N ASP B 420 13.74 4.63 -27.95
CA ASP B 420 14.58 3.96 -28.94
C ASP B 420 15.87 3.47 -28.29
N PRO B 421 16.25 2.20 -28.49
CA PRO B 421 17.49 1.70 -27.88
C PRO B 421 18.75 2.42 -28.36
N ARG B 422 18.78 2.91 -29.60
CA ARG B 422 20.01 3.52 -30.11
C ARG B 422 20.42 4.75 -29.30
N GLY B 423 19.45 5.49 -28.76
CA GLY B 423 19.74 6.63 -27.93
C GLY B 423 20.27 6.33 -26.54
N TYR B 424 20.33 5.05 -26.15
CA TYR B 424 20.80 4.66 -24.83
C TYR B 424 22.02 3.76 -24.88
N GLU B 425 22.53 3.45 -26.07
CA GLU B 425 23.66 2.52 -26.17
C GLU B 425 24.95 3.13 -25.61
N GLY B 426 25.13 4.45 -25.76
CA GLY B 426 26.36 5.07 -25.30
C GLY B 426 26.48 5.06 -23.78
N ARG B 427 25.43 5.48 -23.09
CA ARG B 427 25.50 5.58 -21.63
C ARG B 427 25.39 4.22 -20.96
N LEU B 428 24.42 3.40 -21.39
CA LEU B 428 24.12 2.13 -20.74
C LEU B 428 24.79 0.95 -21.43
N GLY B 429 25.93 1.17 -22.05
CA GLY B 429 26.72 0.10 -22.64
C GLY B 429 25.97 -0.67 -23.71
N PRO B 430 26.53 -1.82 -24.11
CA PRO B 430 25.82 -2.68 -25.07
C PRO B 430 24.55 -3.24 -24.45
N LEU B 431 23.44 -3.08 -25.16
CA LEU B 431 22.13 -3.46 -24.66
C LEU B 431 21.70 -4.82 -25.22
N ARG B 432 20.94 -5.55 -24.40
CA ARG B 432 20.29 -6.78 -24.85
C ARG B 432 18.83 -6.51 -25.16
N LEU B 433 18.23 -7.42 -25.93
CA LEU B 433 16.83 -7.29 -26.30
C LEU B 433 15.94 -7.82 -25.19
N LYS B 434 14.80 -7.17 -25.00
CA LYS B 434 13.83 -7.65 -24.01
CA LYS B 434 13.83 -7.65 -24.01
C LYS B 434 13.25 -9.00 -24.42
N ASP B 435 12.96 -9.17 -25.70
CA ASP B 435 12.42 -10.41 -26.25
C ASP B 435 13.52 -11.06 -27.07
N GLN B 436 14.33 -11.89 -26.42
CA GLN B 436 15.42 -12.62 -27.06
C GLN B 436 14.92 -14.01 -27.43
N ALA B 437 15.19 -14.42 -28.67
CA ALA B 437 14.70 -15.70 -29.16
C ALA B 437 15.28 -16.86 -28.36
N GLY B 438 14.42 -17.80 -28.00
CA GLY B 438 14.82 -18.96 -27.23
C GLY B 438 15.01 -18.71 -25.75
N VAL B 439 14.67 -17.52 -25.25
CA VAL B 439 14.84 -17.17 -23.85
C VAL B 439 13.48 -16.75 -23.30
N THR B 440 13.01 -17.46 -22.28
CA THR B 440 11.79 -17.11 -21.58
C THR B 440 12.13 -16.40 -20.27
N LYS B 441 11.45 -15.30 -20.00
CA LYS B 441 11.70 -14.49 -18.82
C LYS B 441 10.40 -14.36 -18.03
N ASP B 442 10.30 -15.11 -16.93
CA ASP B 442 9.18 -15.02 -16.01
C ASP B 442 9.61 -14.21 -14.79
N ARG B 443 9.00 -13.05 -14.59
CA ARG B 443 9.46 -12.06 -13.62
C ARG B 443 8.47 -11.95 -12.46
N TRP B 444 8.98 -12.09 -11.24
CA TRP B 444 8.22 -11.84 -10.03
C TRP B 444 8.65 -10.49 -9.49
N LEU B 445 7.76 -9.49 -9.55
CA LEU B 445 8.07 -8.15 -9.08
C LEU B 445 7.76 -8.02 -7.60
N LEU B 446 8.56 -7.18 -6.92
CA LEU B 446 8.38 -6.96 -5.49
C LEU B 446 7.05 -6.24 -5.25
N ARG B 447 6.15 -6.91 -4.54
CA ARG B 447 4.83 -6.36 -4.25
C ARG B 447 4.74 -5.77 -2.85
N GLU B 448 5.23 -6.48 -1.84
CA GLU B 448 5.19 -6.01 -0.46
C GLU B 448 6.54 -6.27 0.21
N ALA B 449 6.81 -5.47 1.24
CA ALA B 449 8.05 -5.62 1.99
C ALA B 449 7.82 -5.08 3.40
N TYR B 450 8.21 -5.86 4.41
CA TYR B 450 7.96 -5.50 5.81
C TYR B 450 9.17 -5.86 6.65
N VAL B 451 9.41 -5.03 7.67
CA VAL B 451 10.44 -5.27 8.66
C VAL B 451 9.77 -5.78 9.93
N VAL B 452 10.06 -7.02 10.31
CA VAL B 452 9.50 -7.65 11.49
C VAL B 452 10.67 -7.97 12.42
N GLY B 453 10.92 -7.08 13.38
CA GLY B 453 12.06 -7.24 14.27
C GLY B 453 13.37 -7.10 13.54
N ASP B 454 14.19 -8.16 13.59
CA ASP B 454 15.46 -8.18 12.88
C ASP B 454 15.35 -8.77 11.48
N ASN B 455 14.16 -9.15 11.04
CA ASN B 455 13.96 -9.78 9.75
C ASN B 455 13.18 -8.86 8.81
N VAL B 456 13.41 -9.05 7.52
CA VAL B 456 12.69 -8.32 6.47
C VAL B 456 12.05 -9.34 5.54
N HIS B 457 10.75 -9.19 5.32
CA HIS B 457 9.98 -10.08 4.45
C HIS B 457 9.79 -9.39 3.11
N GLN B 458 10.19 -10.06 2.03
CA GLN B 458 10.02 -9.56 0.68
C GLN B 458 8.97 -10.41 -0.02
N TRP B 459 7.92 -9.77 -0.52
CA TRP B 459 6.77 -10.44 -1.13
C TRP B 459 6.80 -10.18 -2.63
N TYR B 460 7.45 -11.07 -3.37
CA TYR B 460 7.48 -10.99 -4.83
C TYR B 460 6.25 -11.68 -5.41
N VAL B 461 5.68 -11.10 -6.46
CA VAL B 461 4.41 -11.55 -7.02
C VAL B 461 4.49 -11.56 -8.54
N ARG B 462 4.07 -12.67 -9.14
CA ARG B 462 3.83 -12.76 -10.58
C ARG B 462 2.39 -13.20 -10.79
N GLU B 463 1.63 -12.43 -11.57
CA GLU B 463 0.23 -12.73 -11.84
C GLU B 463 0.15 -13.62 -13.06
N GLU B 464 0.24 -14.93 -12.85
CA GLU B 464 0.16 -15.89 -13.93
C GLU B 464 -1.30 -16.19 -14.28
N ASP B 465 -1.50 -16.73 -15.49
CA ASP B 465 -2.84 -17.09 -15.92
C ASP B 465 -3.44 -18.20 -15.08
N GLU B 466 -2.61 -19.02 -14.44
CA GLU B 466 -3.07 -20.14 -13.64
C GLU B 466 -3.17 -19.81 -12.15
N GLY B 467 -2.92 -18.57 -11.76
CA GLY B 467 -3.14 -18.18 -10.38
C GLY B 467 -2.14 -17.13 -9.93
N HIS B 468 -2.30 -16.74 -8.67
CA HIS B 468 -1.43 -15.76 -8.02
C HIS B 468 -0.16 -16.47 -7.56
N SER B 469 0.98 -16.07 -8.12
CA SER B 469 2.25 -16.71 -7.83
C SER B 469 3.07 -15.82 -6.89
N VAL B 470 3.46 -16.36 -5.75
CA VAL B 470 4.16 -15.61 -4.71
C VAL B 470 5.45 -16.34 -4.36
N ILE B 471 6.55 -15.59 -4.34
CA ILE B 471 7.82 -16.06 -3.79
C ILE B 471 8.24 -15.09 -2.71
N GLU B 472 8.41 -15.59 -1.49
CA GLU B 472 8.79 -14.77 -0.35
C GLU B 472 10.25 -15.01 -0.01
N ILE B 473 10.99 -13.93 0.22
CA ILE B 473 12.38 -13.99 0.67
C ILE B 473 12.45 -13.34 2.04
N VAL B 474 12.88 -14.11 3.03
CA VAL B 474 12.97 -13.64 4.41
C VAL B 474 14.44 -13.44 4.74
N TRP B 475 14.84 -12.18 4.91
CA TRP B 475 16.22 -11.84 5.23
C TRP B 475 16.37 -11.83 6.75
N LEU B 476 17.15 -12.76 7.29
CA LEU B 476 17.37 -12.88 8.72
C LEU B 476 18.56 -12.01 9.10
N GLY B 477 18.30 -10.74 9.37
CA GLY B 477 19.33 -9.80 9.73
C GLY B 477 19.86 -10.03 11.12
N PRO B 478 20.95 -9.35 11.44
CA PRO B 478 21.57 -9.51 12.75
C PRO B 478 20.79 -8.78 13.84
N LYS B 479 21.13 -9.12 15.09
CA LYS B 479 20.49 -8.48 16.23
C LYS B 479 20.79 -6.99 16.26
N GLY B 480 19.76 -6.18 16.44
CA GLY B 480 19.91 -4.73 16.43
C GLY B 480 19.75 -4.08 15.08
N GLY B 481 19.40 -4.85 14.04
CA GLY B 481 19.23 -4.29 12.72
C GLY B 481 20.48 -4.34 11.88
N GLY B 482 20.32 -4.59 10.58
CA GLY B 482 21.44 -4.65 9.67
C GLY B 482 21.91 -3.32 9.12
N GLY B 483 21.22 -2.24 9.43
CA GLY B 483 21.61 -0.93 8.96
C GLY B 483 20.45 -0.01 8.64
N ALA B 484 20.54 0.66 7.48
CA ALA B 484 19.53 1.64 7.05
C ALA B 484 19.33 2.75 8.06
N GLY B 485 20.40 3.13 8.76
CA GLY B 485 20.32 4.23 9.71
C GLY B 485 19.59 3.92 10.99
N VAL B 486 19.47 2.65 11.36
CA VAL B 486 18.78 2.30 12.60
C VAL B 486 19.61 2.65 13.83
N HIS B 487 20.92 2.85 13.66
CA HIS B 487 21.81 3.20 14.76
C HIS B 487 22.23 4.67 14.73
N ASP B 488 21.84 5.42 13.69
CA ASP B 488 22.24 6.81 13.53
C ASP B 488 21.15 7.78 13.94
N TYR B 489 20.32 7.42 14.93
CA TYR B 489 19.22 8.29 15.31
C TYR B 489 19.71 9.49 16.12
N ALA B 490 20.75 9.32 16.93
CA ALA B 490 21.31 10.39 17.74
C ALA B 490 22.54 11.03 17.10
N VAL B 491 22.61 11.01 15.77
CA VAL B 491 23.80 11.52 15.08
C VAL B 491 23.73 13.01 14.80
N ARG B 492 22.55 13.63 14.92
CA ARG B 492 22.40 15.06 14.75
C ARG B 492 22.34 15.80 16.08
N LYS B 493 22.68 15.13 17.18
CA LYS B 493 22.63 15.74 18.50
C LYS B 493 23.68 16.83 18.63
N GLN B 494 23.44 17.75 19.57
CA GLN B 494 24.36 18.85 19.83
C GLN B 494 25.17 18.58 21.10
#